data_5IKQ
#
_entry.id   5IKQ
#
_cell.length_a   120.509
_cell.length_b   134.053
_cell.length_c   179.382
_cell.angle_alpha   90.00
_cell.angle_beta   90.00
_cell.angle_gamma   90.00
#
_symmetry.space_group_name_H-M   'I 2 2 2'
#
loop_
_entity.id
_entity.type
_entity.pdbx_description
1 polymer 'Prostaglandin G/H synthase 2'
2 branched alpha-D-mannopyranose-(1-6)-alpha-D-mannopyranose-(1-4)-2-acetamido-2-deoxy-beta-D-glucopyranose-(1-4)-2-acetamido-2-deoxy-beta-D-glucopyranose
3 non-polymer 'octyl beta-D-glucopyranoside'
4 non-polymer '2-[(2,6-dichloro-3-methyl-phenyl)amino]benzoic acid'
5 non-polymer 2-acetamido-2-deoxy-beta-D-glucopyranose
6 non-polymer 'PROTOPORPHYRIN IX CONTAINING CO'
7 non-polymer 'ACRYLIC ACID'
8 water water
#
_entity_poly.entity_id   1
_entity_poly.type   'polypeptide(L)'
_entity_poly.pdbx_seq_one_letter_code
;NPCCSHPCQNRGVCMSVGFDQYKCDCTRTGFYGENCSTPEFLTRIKLFLKPTPNTVHYILTHFKGFWNVVNNIPFLRNAI
MSYVLTSRSHLIDSPPTYNADYGYKSWEAFSNLSYYTRALPPVPDDCPTPLGVKGKKQLPDSNEIVEKLLLRRKFIPDPQ
GSNMMFAFFAQHFTHQFFKTDHKRGPAFTNGLGHGVDLNHIYGETLARQRKLRLFKDGKMKYQIIDGEMYPPTVKDTQAE
MIYPPQVPEHLRFAVGQEVFGLVPGLMMYATIWLREHNRVCDVLKQEHPEWGDEQLFQTSRLILIGETIKIVIEDYVQHL
SGYHFKLKFDPELLFNKQFQYQNRIAAEFNTLYHWHPLLPDTFQIHDQKYNYQQFIYNNSILLEHGITQFVESFTRQIAG
RVAGGRNVPPAVQKVSQASIDQSRQMKYQSFNEYRKRFMLKPYESFEELTGEKEMSAELEALYGDIDAVELYPALLVEKP
RPDAIFGETMVEVGAPFSLKGLMGNVICSPAYWKPSTFGGEVGFQIINTASIQSLICNNVKGCPFTSFSVP
;
_entity_poly.pdbx_strand_id   A,B
#
# COMPACT_ATOMS: atom_id res chain seq x y z
N ASN A 1 3.64 -32.88 8.10
CA ASN A 1 4.41 -31.64 8.18
C ASN A 1 4.96 -31.42 9.58
N PRO A 2 6.29 -31.27 9.71
CA PRO A 2 6.89 -31.11 11.05
C PRO A 2 6.52 -29.80 11.75
N CYS A 3 6.02 -28.83 10.98
CA CYS A 3 5.62 -27.55 11.55
C CYS A 3 4.19 -27.56 12.10
N CYS A 4 3.54 -28.72 12.03
CA CYS A 4 2.16 -28.87 12.50
C CYS A 4 1.99 -28.57 13.98
N SER A 5 3.05 -28.75 14.76
CA SER A 5 2.97 -28.53 16.22
C SER A 5 3.22 -27.06 16.59
N HIS A 6 3.44 -26.23 15.58
CA HIS A 6 3.72 -24.81 15.81
C HIS A 6 4.88 -24.64 16.79
N PRO A 7 6.02 -25.30 16.50
CA PRO A 7 7.11 -25.38 17.49
C PRO A 7 7.80 -24.05 17.79
N CYS A 8 7.86 -23.16 16.81
CA CYS A 8 8.60 -21.90 16.94
C CYS A 8 7.83 -20.89 17.77
N GLN A 9 8.42 -20.47 18.89
CA GLN A 9 7.77 -19.53 19.80
C GLN A 9 8.20 -18.09 19.54
N ASN A 10 7.49 -17.15 20.16
CA ASN A 10 7.86 -15.74 20.13
C ASN A 10 8.01 -15.17 18.72
N ARG A 11 7.05 -15.49 17.86
CA ARG A 11 6.98 -14.94 16.51
C ARG A 11 8.07 -15.50 15.59
N GLY A 12 8.70 -16.59 15.98
CA GLY A 12 9.67 -17.25 15.13
C GLY A 12 8.97 -17.90 13.94
N VAL A 13 9.66 -17.96 12.81
CA VAL A 13 9.08 -18.54 11.61
C VAL A 13 9.52 -19.99 11.45
N CYS A 14 8.56 -20.90 11.35
CA CYS A 14 8.86 -22.32 11.19
C CYS A 14 8.96 -22.68 9.72
N MET A 15 9.97 -23.48 9.40
CA MET A 15 10.24 -23.91 8.03
C MET A 15 10.62 -25.39 8.04
N SER A 16 10.03 -26.17 7.15
CA SER A 16 10.36 -27.57 7.05
C SER A 16 11.71 -27.75 6.35
N VAL A 17 12.46 -28.77 6.75
CA VAL A 17 13.72 -29.10 6.13
C VAL A 17 13.78 -30.61 5.98
N GLY A 18 13.46 -31.10 4.78
CA GLY A 18 13.31 -32.52 4.57
C GLY A 18 11.94 -32.93 5.07
N PHE A 19 11.70 -34.24 5.14
CA PHE A 19 10.36 -34.75 5.43
C PHE A 19 10.04 -34.85 6.92
N ASP A 20 11.08 -34.91 7.77
CA ASP A 20 10.88 -35.14 9.20
C ASP A 20 11.42 -34.02 10.09
N GLN A 21 12.23 -33.13 9.54
CA GLN A 21 12.86 -32.06 10.32
C GLN A 21 12.29 -30.69 10.01
N TYR A 22 12.49 -29.76 10.95
CA TYR A 22 12.11 -28.37 10.76
C TYR A 22 13.21 -27.45 11.27
N LYS A 23 13.09 -26.16 10.97
CA LYS A 23 14.01 -25.15 11.47
C LYS A 23 13.26 -23.87 11.83
N CYS A 24 13.70 -23.22 12.90
CA CYS A 24 13.07 -21.99 13.38
C CYS A 24 13.93 -20.79 13.05
N ASP A 25 13.29 -19.77 12.49
CA ASP A 25 13.98 -18.52 12.17
C ASP A 25 13.69 -17.50 13.26
N CYS A 26 14.70 -17.25 14.10
CA CYS A 26 14.53 -16.42 15.28
C CYS A 26 14.92 -14.96 15.02
N THR A 27 15.11 -14.61 13.75
CA THR A 27 15.60 -13.27 13.38
C THR A 27 14.75 -12.17 14.01
N ARG A 28 15.39 -11.28 14.74
CA ARG A 28 14.73 -10.09 15.30
C ARG A 28 13.60 -10.43 16.27
N THR A 29 13.61 -11.64 16.82
CA THR A 29 12.60 -12.05 17.79
C THR A 29 13.01 -11.68 19.21
N GLY A 30 14.31 -11.49 19.44
CA GLY A 30 14.83 -11.26 20.76
C GLY A 30 15.07 -12.57 21.50
N PHE A 31 14.87 -13.67 20.80
CA PHE A 31 15.10 -15.01 21.35
C PHE A 31 16.02 -15.79 20.42
N TYR A 32 16.56 -16.91 20.93
CA TYR A 32 17.33 -17.83 20.10
C TYR A 32 17.08 -19.26 20.59
N GLY A 33 17.75 -20.22 19.98
CA GLY A 33 17.56 -21.62 20.32
C GLY A 33 16.73 -22.33 19.27
N GLU A 34 16.53 -23.63 19.46
CA GLU A 34 15.85 -24.46 18.46
C GLU A 34 14.42 -23.99 18.18
N ASN A 35 13.72 -23.53 19.21
CA ASN A 35 12.34 -23.07 19.06
C ASN A 35 12.21 -21.57 19.35
N CYS A 36 13.33 -20.85 19.34
CA CYS A 36 13.31 -19.42 19.68
C CYS A 36 12.70 -19.19 21.05
N SER A 37 13.09 -20.02 22.03
CA SER A 37 12.49 -19.98 23.35
C SER A 37 13.45 -19.45 24.42
N THR A 38 14.74 -19.43 24.11
CA THR A 38 15.75 -18.89 25.02
C THR A 38 15.86 -17.37 24.86
N PRO A 39 15.52 -16.61 25.91
CA PRO A 39 15.57 -15.15 25.78
C PRO A 39 17.00 -14.61 25.72
N GLU A 40 17.22 -13.59 24.89
CA GLU A 40 18.50 -12.89 24.89
C GLU A 40 18.60 -12.09 26.18
N PHE A 41 19.80 -11.60 26.48
CA PHE A 41 20.05 -10.88 27.72
C PHE A 41 19.13 -9.67 27.83
N LEU A 42 19.11 -8.85 26.78
CA LEU A 42 18.29 -7.64 26.77
C LEU A 42 16.81 -7.98 26.86
N THR A 43 16.44 -9.14 26.32
CA THR A 43 15.05 -9.56 26.33
C THR A 43 14.58 -9.93 27.74
N ARG A 44 15.45 -10.57 28.50
CA ARG A 44 15.14 -10.91 29.90
C ARG A 44 14.79 -9.67 30.70
N ILE A 45 15.56 -8.60 30.47
CA ILE A 45 15.34 -7.34 31.16
C ILE A 45 14.01 -6.71 30.77
N LYS A 46 13.76 -6.61 29.47
CA LYS A 46 12.53 -5.99 28.99
C LYS A 46 11.30 -6.74 29.48
N LEU A 47 11.38 -8.07 29.47
CA LEU A 47 10.27 -8.90 29.94
C LEU A 47 10.02 -8.68 31.43
N PHE A 48 11.09 -8.37 32.16
CA PHE A 48 11.00 -8.16 33.60
C PHE A 48 10.33 -6.83 33.93
N LEU A 49 10.40 -5.88 32.99
CA LEU A 49 9.88 -4.53 33.22
C LEU A 49 8.59 -4.25 32.43
N LYS A 50 7.97 -5.29 31.88
CA LYS A 50 6.67 -5.14 31.21
C LYS A 50 5.54 -5.43 32.20
N PRO A 51 4.65 -4.45 32.42
CA PRO A 51 3.49 -4.76 33.26
C PRO A 51 2.51 -5.66 32.52
N THR A 52 1.75 -6.47 33.26
CA THR A 52 0.74 -7.31 32.63
C THR A 52 -0.39 -6.42 32.12
N PRO A 53 -1.05 -6.82 31.02
CA PRO A 53 -2.19 -6.06 30.53
C PRO A 53 -3.26 -5.79 31.59
N ASN A 54 -3.48 -6.74 32.48
CA ASN A 54 -4.46 -6.57 33.54
C ASN A 54 -3.99 -5.55 34.57
N THR A 55 -2.68 -5.44 34.74
CA THR A 55 -2.12 -4.42 35.62
C THR A 55 -2.37 -3.05 34.99
N VAL A 56 -1.98 -2.90 33.73
CA VAL A 56 -2.14 -1.63 33.02
C VAL A 56 -3.61 -1.26 32.89
N HIS A 57 -4.46 -2.26 32.67
CA HIS A 57 -5.89 -2.03 32.56
C HIS A 57 -6.47 -1.54 33.87
N TYR A 58 -5.92 -2.04 34.97
CA TYR A 58 -6.32 -1.58 36.30
C TYR A 58 -5.99 -0.11 36.45
N ILE A 59 -4.80 0.24 36.07
CA ILE A 59 -4.33 1.58 36.21
C ILE A 59 -5.14 2.60 35.44
N LEU A 60 -5.57 2.23 34.25
CA LEU A 60 -6.32 3.12 33.37
C LEU A 60 -7.81 3.17 33.72
N THR A 61 -8.27 2.23 34.54
CA THR A 61 -9.68 2.15 34.92
C THR A 61 -9.91 2.52 36.39
N HIS A 62 -8.85 3.00 37.05
CA HIS A 62 -8.94 3.48 38.42
C HIS A 62 -8.23 4.82 38.55
N PHE A 63 -8.24 5.38 39.76
CA PHE A 63 -7.59 6.64 40.05
C PHE A 63 -8.15 7.78 39.21
N LYS A 64 -9.47 7.90 39.18
CA LYS A 64 -10.13 8.91 38.35
C LYS A 64 -9.63 10.31 38.67
N GLY A 65 -9.28 10.54 39.93
CA GLY A 65 -8.77 11.83 40.36
C GLY A 65 -7.43 12.14 39.71
N PHE A 66 -6.59 11.12 39.59
CA PHE A 66 -5.28 11.28 38.97
C PHE A 66 -5.41 11.57 37.47
N TRP A 67 -6.24 10.79 36.79
CA TRP A 67 -6.39 10.93 35.34
C TRP A 67 -7.07 12.24 34.95
N ASN A 68 -7.90 12.78 35.84
CA ASN A 68 -8.53 14.08 35.59
C ASN A 68 -7.48 15.19 35.52
N VAL A 69 -6.39 15.01 36.26
CA VAL A 69 -5.29 15.95 36.24
C VAL A 69 -4.50 15.76 34.95
N VAL A 70 -4.18 14.51 34.63
CA VAL A 70 -3.41 14.17 33.43
C VAL A 70 -4.11 14.64 32.16
N ASN A 71 -5.42 14.45 32.09
CA ASN A 71 -6.18 14.80 30.89
C ASN A 71 -6.17 16.29 30.59
N ASN A 72 -5.85 17.10 31.59
CA ASN A 72 -5.83 18.56 31.44
C ASN A 72 -4.43 19.14 31.31
N ILE A 73 -3.43 18.26 31.31
CA ILE A 73 -2.05 18.67 31.03
C ILE A 73 -1.64 18.10 29.66
N PRO A 74 -1.80 18.90 28.59
CA PRO A 74 -1.58 18.45 27.21
C PRO A 74 -0.29 17.64 27.02
N PHE A 75 0.79 18.08 27.64
CA PHE A 75 2.08 17.39 27.52
C PHE A 75 1.98 15.95 28.01
N LEU A 76 1.34 15.74 29.16
CA LEU A 76 1.21 14.41 29.71
C LEU A 76 0.25 13.57 28.88
N ARG A 77 -0.89 14.14 28.52
CA ARG A 77 -1.88 13.40 27.73
C ARG A 77 -1.27 12.91 26.43
N ASN A 78 -0.52 13.78 25.77
CA ASN A 78 0.18 13.40 24.53
C ASN A 78 1.18 12.29 24.78
N ALA A 79 1.89 12.36 25.90
CA ALA A 79 2.88 11.36 26.24
C ALA A 79 2.22 10.00 26.48
N ILE A 80 1.15 10.00 27.27
CA ILE A 80 0.42 8.77 27.56
C ILE A 80 -0.18 8.19 26.28
N MET A 81 -0.84 9.03 25.48
CA MET A 81 -1.47 8.57 24.25
C MET A 81 -0.44 8.00 23.29
N SER A 82 0.76 8.58 23.31
CA SER A 82 1.84 8.12 22.45
C SER A 82 2.21 6.68 22.81
N TYR A 83 2.29 6.41 24.11
CA TYR A 83 2.57 5.07 24.60
C TYR A 83 1.51 4.06 24.12
N VAL A 84 0.24 4.41 24.33
CA VAL A 84 -0.87 3.57 23.91
C VAL A 84 -0.75 3.17 22.44
N LEU A 85 -0.37 4.11 21.60
CA LEU A 85 -0.29 3.86 20.16
C LEU A 85 0.87 2.96 19.80
N THR A 86 2.04 3.24 20.39
CA THR A 86 3.28 2.58 19.98
C THR A 86 3.51 1.24 20.67
N SER A 87 2.95 1.07 21.86
CA SER A 87 3.17 -0.14 22.64
C SER A 87 2.47 -1.36 22.06
N ARG A 88 1.69 -1.15 21.00
CA ARG A 88 0.90 -2.22 20.39
C ARG A 88 1.29 -2.46 18.94
N SER A 89 1.87 -1.44 18.36
CA SER A 89 2.13 -1.39 16.93
C SER A 89 3.05 -2.50 16.48
N HIS A 90 3.89 -2.98 17.36
CA HIS A 90 4.88 -4.00 17.05
C HIS A 90 4.25 -5.39 16.92
N LEU A 91 2.94 -5.48 17.17
CA LEU A 91 2.24 -6.76 17.12
C LEU A 91 1.62 -7.03 15.74
N ILE A 92 1.52 -5.98 14.92
CA ILE A 92 0.97 -6.11 13.57
C ILE A 92 2.09 -6.13 12.52
N ASP A 93 2.06 -7.12 11.65
CA ASP A 93 2.98 -7.20 10.52
C ASP A 93 2.53 -6.23 9.43
N SER A 94 3.41 -5.32 9.03
CA SER A 94 3.09 -4.32 8.03
C SER A 94 4.35 -3.94 7.25
N PRO A 95 4.39 -4.23 5.94
CA PRO A 95 3.40 -4.88 5.06
C PRO A 95 2.96 -6.27 5.54
N PRO A 96 1.78 -6.71 5.09
CA PRO A 96 1.19 -7.97 5.58
C PRO A 96 1.90 -9.19 5.02
N THR A 97 1.62 -10.34 5.61
CA THR A 97 2.31 -11.57 5.27
C THR A 97 1.36 -12.67 4.78
N TYR A 98 0.82 -13.45 5.72
CA TYR A 98 0.06 -14.65 5.36
C TYR A 98 -1.39 -14.37 5.02
N ASN A 99 -2.01 -15.33 4.33
CA ASN A 99 -3.46 -15.37 4.22
C ASN A 99 -3.92 -16.83 4.29
N ALA A 100 -5.18 -17.07 3.97
CA ALA A 100 -5.78 -18.40 4.11
C ALA A 100 -5.07 -19.46 3.29
N ASP A 101 -4.49 -19.06 2.16
CA ASP A 101 -3.89 -20.00 1.22
C ASP A 101 -2.37 -20.09 1.32
N TYR A 102 -1.75 -19.28 2.18
CA TYR A 102 -0.30 -19.25 2.29
C TYR A 102 0.17 -19.13 3.74
N GLY A 103 0.80 -20.20 4.24
CA GLY A 103 1.39 -20.22 5.56
C GLY A 103 2.88 -19.92 5.51
N TYR A 104 3.33 -19.52 4.33
CA TYR A 104 4.68 -19.03 4.14
C TYR A 104 4.56 -17.72 3.38
N LYS A 105 5.59 -16.88 3.46
CA LYS A 105 5.58 -15.62 2.72
C LYS A 105 5.59 -15.89 1.22
N SER A 106 4.73 -15.20 0.49
CA SER A 106 4.70 -15.30 -0.97
C SER A 106 4.18 -14.01 -1.59
N TRP A 107 4.50 -13.78 -2.85
CA TRP A 107 4.05 -12.57 -3.53
C TRP A 107 2.54 -12.61 -3.75
N GLU A 108 1.98 -13.81 -3.91
CA GLU A 108 0.53 -13.94 -4.04
C GLU A 108 -0.17 -13.43 -2.79
N ALA A 109 0.34 -13.82 -1.63
CA ALA A 109 -0.26 -13.42 -0.36
C ALA A 109 -0.10 -11.93 -0.12
N PHE A 110 1.07 -11.39 -0.48
CA PHE A 110 1.27 -9.95 -0.30
C PHE A 110 0.41 -9.10 -1.23
N SER A 111 0.41 -9.44 -2.52
CA SER A 111 -0.07 -8.53 -3.54
C SER A 111 -1.58 -8.64 -3.83
N ASN A 112 -2.18 -9.78 -3.51
CA ASN A 112 -3.59 -10.02 -3.82
C ASN A 112 -4.51 -9.44 -2.75
N LEU A 113 -5.14 -8.31 -3.08
CA LEU A 113 -5.93 -7.55 -2.12
C LEU A 113 -7.31 -8.17 -1.84
N SER A 114 -7.69 -9.19 -2.60
CA SER A 114 -8.99 -9.83 -2.41
C SER A 114 -9.02 -10.69 -1.16
N TYR A 115 -7.86 -11.05 -0.65
CA TYR A 115 -7.76 -11.82 0.58
C TYR A 115 -7.81 -10.93 1.81
N TYR A 116 -8.41 -11.43 2.89
CA TYR A 116 -8.07 -10.95 4.22
C TYR A 116 -6.65 -11.41 4.52
N THR A 117 -5.89 -10.62 5.26
CA THR A 117 -4.57 -11.07 5.70
C THR A 117 -4.76 -11.89 6.98
N ARG A 118 -3.67 -12.45 7.51
CA ARG A 118 -3.73 -13.34 8.66
C ARG A 118 -2.63 -13.04 9.68
N ALA A 119 -3.05 -12.81 10.92
CA ALA A 119 -2.12 -12.54 12.02
C ALA A 119 -1.33 -13.78 12.35
N LEU A 120 -1.96 -14.94 12.20
CA LEU A 120 -1.28 -16.23 12.31
C LEU A 120 -1.52 -17.04 11.04
N PRO A 121 -0.49 -17.77 10.58
CA PRO A 121 -0.64 -18.61 9.38
C PRO A 121 -1.71 -19.67 9.55
N PRO A 122 -2.27 -20.17 8.45
CA PRO A 122 -3.24 -21.25 8.52
C PRO A 122 -2.60 -22.56 8.95
N VAL A 123 -3.33 -23.40 9.67
CA VAL A 123 -2.85 -24.71 10.03
C VAL A 123 -2.59 -25.49 8.73
N PRO A 124 -1.38 -26.05 8.58
CA PRO A 124 -1.07 -26.84 7.38
C PRO A 124 -2.13 -27.89 7.06
N ASP A 125 -2.19 -28.30 5.80
CA ASP A 125 -3.29 -29.15 5.32
C ASP A 125 -3.31 -30.52 6.00
N ASP A 126 -2.26 -31.31 5.78
CA ASP A 126 -2.20 -32.67 6.33
C ASP A 126 -1.52 -32.67 7.70
N CYS A 127 -2.29 -32.35 8.73
CA CYS A 127 -1.81 -32.41 10.11
C CYS A 127 -2.60 -33.50 10.85
N PRO A 128 -2.03 -34.02 11.94
CA PRO A 128 -2.73 -35.06 12.71
C PRO A 128 -4.06 -34.60 13.28
N THR A 129 -4.15 -33.33 13.68
CA THR A 129 -5.39 -32.75 14.17
C THR A 129 -5.69 -31.46 13.41
N PRO A 130 -6.97 -31.04 13.39
CA PRO A 130 -7.35 -29.81 12.69
C PRO A 130 -6.59 -28.57 13.16
N LEU A 131 -6.20 -28.52 14.43
CA LEU A 131 -5.52 -27.36 14.99
C LEU A 131 -4.01 -27.50 15.02
N GLY A 132 -3.51 -28.65 14.60
CA GLY A 132 -2.08 -28.90 14.57
C GLY A 132 -1.79 -30.30 15.09
N VAL A 133 -1.57 -30.42 16.40
CA VAL A 133 -1.33 -31.72 17.03
C VAL A 133 -2.19 -31.91 18.27
N LYS A 134 -2.65 -30.81 18.86
CA LYS A 134 -3.48 -30.88 20.07
C LYS A 134 -4.94 -31.11 19.71
N GLY A 135 -5.69 -31.64 20.68
CA GLY A 135 -7.12 -31.87 20.52
C GLY A 135 -7.45 -33.18 19.85
N LYS A 136 -8.73 -33.46 19.71
CA LYS A 136 -9.20 -34.70 19.09
C LYS A 136 -9.02 -34.67 17.58
N LYS A 137 -9.25 -35.80 16.93
CA LYS A 137 -9.09 -35.90 15.48
C LYS A 137 -10.14 -35.07 14.75
N GLN A 138 -11.31 -34.94 15.36
CA GLN A 138 -12.37 -34.07 14.84
C GLN A 138 -12.73 -33.01 15.86
N LEU A 139 -12.96 -31.79 15.38
CA LEU A 139 -13.43 -30.73 16.26
C LEU A 139 -14.87 -30.99 16.69
N PRO A 140 -15.28 -30.43 17.82
CA PRO A 140 -16.65 -30.65 18.29
C PRO A 140 -17.71 -30.15 17.30
N ASP A 141 -18.92 -30.67 17.41
CA ASP A 141 -20.02 -30.19 16.59
C ASP A 141 -20.25 -28.70 16.86
N SER A 142 -20.29 -27.90 15.81
CA SER A 142 -20.36 -26.45 15.95
C SER A 142 -21.69 -26.01 16.53
N ASN A 143 -22.78 -26.68 16.14
CA ASN A 143 -24.09 -26.35 16.68
C ASN A 143 -24.13 -26.65 18.16
N GLU A 144 -23.50 -27.74 18.56
CA GLU A 144 -23.46 -28.13 19.96
C GLU A 144 -22.72 -27.10 20.81
N ILE A 145 -21.70 -26.49 20.23
CA ILE A 145 -20.94 -25.44 20.92
C ILE A 145 -21.77 -24.19 21.11
N VAL A 146 -22.53 -23.82 20.09
CA VAL A 146 -23.36 -22.63 20.14
C VAL A 146 -24.45 -22.76 21.19
N GLU A 147 -25.10 -23.93 21.23
CA GLU A 147 -26.21 -24.14 22.15
C GLU A 147 -25.74 -24.21 23.60
N LYS A 148 -24.71 -25.01 23.85
CA LYS A 148 -24.23 -25.25 25.20
C LYS A 148 -23.51 -24.05 25.81
N LEU A 149 -22.86 -23.24 24.97
CA LEU A 149 -21.94 -22.22 25.47
C LEU A 149 -22.29 -20.79 25.09
N LEU A 150 -22.99 -20.60 23.98
CA LEU A 150 -23.15 -19.27 23.40
C LEU A 150 -24.58 -18.75 23.39
N LEU A 151 -25.56 -19.64 23.31
CA LEU A 151 -26.95 -19.21 23.22
C LEU A 151 -27.44 -18.55 24.50
N ARG A 152 -28.20 -17.47 24.32
CA ARG A 152 -28.77 -16.70 25.42
C ARG A 152 -29.92 -17.44 26.10
N ARG A 153 -29.78 -17.67 27.41
CA ARG A 153 -30.85 -18.25 28.21
C ARG A 153 -31.70 -17.12 28.78
N LYS A 154 -31.01 -16.06 29.19
CA LYS A 154 -31.61 -14.89 29.78
C LYS A 154 -30.73 -13.70 29.41
N PHE A 155 -31.33 -12.61 28.95
CA PHE A 155 -30.57 -11.45 28.49
C PHE A 155 -29.60 -10.96 29.56
N ILE A 156 -28.33 -10.86 29.19
CA ILE A 156 -27.29 -10.32 30.06
C ILE A 156 -26.89 -8.93 29.54
N PRO A 157 -27.33 -7.86 30.23
CA PRO A 157 -27.00 -6.51 29.76
C PRO A 157 -25.52 -6.19 29.93
N ASP A 158 -25.01 -5.25 29.15
CA ASP A 158 -23.62 -4.83 29.26
C ASP A 158 -23.40 -3.99 30.53
N PRO A 159 -22.50 -4.45 31.42
CA PRO A 159 -22.25 -3.67 32.63
C PRO A 159 -21.69 -2.27 32.35
N GLN A 160 -20.99 -2.09 31.24
CA GLN A 160 -20.44 -0.77 30.90
C GLN A 160 -21.54 0.17 30.40
N GLY A 161 -22.71 -0.39 30.11
CA GLY A 161 -23.87 0.41 29.74
C GLY A 161 -23.96 0.75 28.26
N SER A 162 -23.21 0.06 27.42
CA SER A 162 -23.27 0.29 25.97
C SER A 162 -24.70 0.20 25.46
N ASN A 163 -25.10 1.17 24.65
CA ASN A 163 -26.48 1.24 24.16
C ASN A 163 -26.58 0.82 22.68
N MET A 164 -27.74 1.03 22.08
CA MET A 164 -27.96 0.64 20.70
C MET A 164 -27.28 1.61 19.72
N MET A 165 -27.10 2.86 20.14
CA MET A 165 -26.31 3.80 19.35
C MET A 165 -24.91 3.22 19.17
N PHE A 166 -24.38 2.64 20.23
CA PHE A 166 -23.07 2.02 20.18
C PHE A 166 -23.09 0.77 19.29
N ALA A 167 -24.05 -0.12 19.54
CA ALA A 167 -24.11 -1.40 18.83
C ALA A 167 -24.23 -1.19 17.32
N PHE A 168 -25.08 -0.27 16.90
CA PHE A 168 -25.28 -0.02 15.46
C PHE A 168 -24.14 0.80 14.86
N PHE A 169 -23.48 1.61 15.68
CA PHE A 169 -22.30 2.32 15.19
C PHE A 169 -21.19 1.33 14.92
N ALA A 170 -21.03 0.37 15.82
CA ALA A 170 -20.04 -0.69 15.69
C ALA A 170 -20.25 -1.43 14.38
N GLN A 171 -21.50 -1.76 14.09
CA GLN A 171 -21.82 -2.52 12.90
C GLN A 171 -21.65 -1.67 11.64
N HIS A 172 -22.13 -0.44 11.68
CA HIS A 172 -22.05 0.46 10.53
C HIS A 172 -20.59 0.76 10.18
N PHE A 173 -19.82 1.12 11.19
CA PHE A 173 -18.42 1.49 11.00
C PHE A 173 -17.56 0.33 10.47
N THR A 174 -17.62 -0.82 11.14
CA THR A 174 -16.74 -1.92 10.78
C THR A 174 -17.11 -2.62 9.47
N HIS A 175 -18.36 -2.45 9.02
CA HIS A 175 -18.80 -3.12 7.80
C HIS A 175 -18.33 -2.38 6.54
N GLN A 176 -17.47 -1.38 6.70
CA GLN A 176 -16.81 -0.77 5.56
C GLN A 176 -15.49 -1.47 5.25
N PHE A 177 -14.96 -2.23 6.21
CA PHE A 177 -13.76 -3.03 5.94
C PHE A 177 -13.94 -4.52 6.28
N PHE A 178 -15.09 -4.88 6.84
CA PHE A 178 -15.49 -6.28 6.97
C PHE A 178 -16.56 -6.59 5.94
N LYS A 179 -16.14 -6.85 4.71
CA LYS A 179 -17.07 -7.10 3.60
C LYS A 179 -16.75 -8.43 2.97
N THR A 180 -17.03 -9.49 3.71
CA THR A 180 -16.72 -10.84 3.30
C THR A 180 -17.42 -11.18 2.00
N ASP A 181 -16.63 -11.63 1.01
CA ASP A 181 -17.16 -12.03 -0.29
C ASP A 181 -17.55 -13.50 -0.25
N HIS A 182 -18.80 -13.77 0.12
CA HIS A 182 -19.24 -15.15 0.34
C HIS A 182 -19.43 -15.93 -0.95
N LYS A 183 -19.23 -15.29 -2.10
CA LYS A 183 -19.16 -16.01 -3.37
C LYS A 183 -17.86 -16.81 -3.40
N ARG A 184 -16.74 -16.12 -3.27
CA ARG A 184 -15.43 -16.77 -3.22
C ARG A 184 -15.28 -17.64 -1.99
N GLY A 185 -15.65 -17.09 -0.84
CA GLY A 185 -15.48 -17.77 0.43
C GLY A 185 -15.08 -16.81 1.54
N PRO A 186 -15.08 -17.28 2.79
CA PRO A 186 -14.81 -16.47 3.98
C PRO A 186 -13.41 -15.84 4.00
N ALA A 187 -12.49 -16.35 3.19
CA ALA A 187 -11.13 -15.85 3.19
C ALA A 187 -10.96 -14.58 2.37
N PHE A 188 -12.02 -14.21 1.64
CA PHE A 188 -11.96 -13.10 0.70
C PHE A 188 -12.84 -11.91 1.10
N THR A 189 -12.42 -10.72 0.68
CA THR A 189 -13.12 -9.49 1.00
C THR A 189 -13.40 -8.67 -0.26
N ASN A 190 -14.44 -7.84 -0.19
CA ASN A 190 -14.77 -6.91 -1.27
C ASN A 190 -14.27 -5.49 -0.97
N GLY A 191 -13.73 -5.29 0.23
CA GLY A 191 -13.20 -4.00 0.61
C GLY A 191 -11.72 -3.89 0.29
N LEU A 192 -11.41 -3.60 -0.96
CA LEU A 192 -10.02 -3.58 -1.40
C LEU A 192 -9.26 -2.39 -0.86
N GLY A 193 -9.98 -1.42 -0.31
CA GLY A 193 -9.34 -0.31 0.36
C GLY A 193 -8.72 -0.72 1.68
N HIS A 194 -9.20 -1.83 2.23
CA HIS A 194 -8.67 -2.42 3.46
C HIS A 194 -8.53 -1.42 4.61
N GLY A 195 -9.59 -0.65 4.85
CA GLY A 195 -9.57 0.30 5.95
C GLY A 195 -10.73 1.28 5.92
N VAL A 196 -10.52 2.42 6.56
CA VAL A 196 -11.56 3.45 6.66
C VAL A 196 -11.50 4.40 5.46
N ASP A 197 -12.15 4.01 4.38
CA ASP A 197 -12.23 4.83 3.17
C ASP A 197 -13.64 5.40 2.98
N LEU A 198 -14.54 5.00 3.86
CA LEU A 198 -15.96 5.38 3.82
C LEU A 198 -16.65 4.90 2.56
N ASN A 199 -16.25 3.73 2.08
CA ASN A 199 -16.88 3.15 0.89
C ASN A 199 -18.34 2.79 1.16
N HIS A 200 -18.68 2.57 2.43
CA HIS A 200 -20.06 2.25 2.81
C HIS A 200 -20.97 3.47 2.71
N ILE A 201 -20.38 4.64 2.47
CA ILE A 201 -21.13 5.85 2.18
C ILE A 201 -21.08 6.16 0.68
N TYR A 202 -19.88 6.03 0.10
CA TYR A 202 -19.60 6.55 -1.24
C TYR A 202 -19.56 5.47 -2.32
N GLY A 203 -19.52 4.20 -1.90
CA GLY A 203 -19.42 3.09 -2.83
C GLY A 203 -17.99 2.63 -3.01
N GLU A 204 -17.83 1.33 -3.25
CA GLU A 204 -16.50 0.73 -3.38
C GLU A 204 -15.84 1.11 -4.70
N THR A 205 -16.63 1.32 -5.75
CA THR A 205 -16.11 1.65 -7.08
C THR A 205 -16.59 3.02 -7.55
N LEU A 206 -15.87 3.59 -8.51
CA LEU A 206 -16.24 4.88 -9.07
C LEU A 206 -17.61 4.82 -9.75
N ALA A 207 -17.91 3.69 -10.38
CA ALA A 207 -19.19 3.51 -11.07
C ALA A 207 -20.36 3.67 -10.11
N ARG A 208 -20.24 3.09 -8.92
CA ARG A 208 -21.30 3.18 -7.93
C ARG A 208 -21.36 4.59 -7.35
N GLN A 209 -20.19 5.21 -7.20
CA GLN A 209 -20.10 6.57 -6.68
C GLN A 209 -20.84 7.56 -7.58
N ARG A 210 -20.68 7.41 -8.88
CA ARG A 210 -21.31 8.32 -9.82
C ARG A 210 -22.83 8.16 -9.81
N LYS A 211 -23.29 6.96 -9.46
CA LYS A 211 -24.72 6.71 -9.32
C LYS A 211 -25.28 7.38 -8.07
N LEU A 212 -24.43 7.61 -7.08
CA LEU A 212 -24.89 8.13 -5.79
C LEU A 212 -24.69 9.65 -5.65
N ARG A 213 -23.80 10.20 -6.47
CA ARG A 213 -23.52 11.63 -6.40
C ARG A 213 -24.55 12.48 -7.15
N LEU A 214 -24.77 13.69 -6.63
CA LEU A 214 -25.65 14.68 -7.25
C LEU A 214 -24.94 15.45 -8.37
N PHE A 215 -23.62 15.52 -8.28
CA PHE A 215 -22.80 16.31 -9.20
C PHE A 215 -23.21 17.77 -9.24
N LYS A 216 -23.72 18.25 -8.11
CA LYS A 216 -23.91 19.67 -7.86
C LYS A 216 -23.42 19.97 -6.45
N ASP A 217 -22.58 20.99 -6.32
CA ASP A 217 -22.10 21.46 -5.02
C ASP A 217 -21.35 20.38 -4.23
N GLY A 218 -20.88 19.35 -4.93
CA GLY A 218 -20.13 18.28 -4.31
C GLY A 218 -20.97 17.29 -3.53
N LYS A 219 -22.28 17.47 -3.59
CA LYS A 219 -23.19 16.74 -2.71
C LYS A 219 -23.55 15.33 -3.19
N MET A 220 -24.13 14.57 -2.29
CA MET A 220 -24.68 13.24 -2.60
C MET A 220 -26.18 13.37 -2.84
N LYS A 221 -26.70 12.58 -3.76
CA LYS A 221 -28.14 12.55 -4.00
C LYS A 221 -28.90 12.24 -2.72
N TYR A 222 -30.15 12.70 -2.66
CA TYR A 222 -31.01 12.49 -1.51
C TYR A 222 -32.44 12.84 -1.88
N GLN A 223 -33.39 12.43 -1.03
CA GLN A 223 -34.77 12.83 -1.18
C GLN A 223 -35.28 13.44 0.11
N ILE A 224 -36.21 14.39 -0.01
CA ILE A 224 -36.84 15.01 1.14
C ILE A 224 -38.18 14.35 1.42
N ILE A 225 -38.34 13.84 2.63
CA ILE A 225 -39.61 13.26 3.08
C ILE A 225 -39.98 13.87 4.43
N ASP A 226 -41.16 14.49 4.48
CA ASP A 226 -41.62 15.16 5.69
C ASP A 226 -40.61 16.21 6.18
N GLY A 227 -40.05 16.95 5.23
CA GLY A 227 -39.09 18.00 5.54
C GLY A 227 -37.71 17.48 5.93
N GLU A 228 -37.54 16.16 5.93
CA GLU A 228 -36.29 15.54 6.37
C GLU A 228 -35.53 14.91 5.21
N MET A 229 -34.20 15.01 5.26
CA MET A 229 -33.34 14.45 4.22
C MET A 229 -33.13 12.95 4.44
N TYR A 230 -33.34 12.17 3.38
CA TYR A 230 -33.14 10.74 3.40
C TYR A 230 -32.33 10.30 2.19
N PRO A 231 -31.80 9.07 2.22
CA PRO A 231 -31.07 8.56 1.06
C PRO A 231 -31.98 8.42 -0.17
N PRO A 232 -31.40 8.46 -1.37
CA PRO A 232 -32.17 8.30 -2.60
C PRO A 232 -32.61 6.85 -2.81
N THR A 233 -33.41 6.62 -3.84
CA THR A 233 -33.90 5.28 -4.13
C THR A 233 -32.98 4.54 -5.10
N VAL A 234 -33.16 3.23 -5.17
CA VAL A 234 -32.49 2.42 -6.18
C VAL A 234 -33.00 2.81 -7.55
N LYS A 235 -34.30 3.10 -7.62
CA LYS A 235 -34.94 3.48 -8.87
C LYS A 235 -34.28 4.73 -9.45
N ASP A 236 -33.99 5.68 -8.58
CA ASP A 236 -33.42 6.97 -8.99
C ASP A 236 -31.93 6.84 -9.32
N THR A 237 -31.20 6.09 -8.53
CA THR A 237 -29.75 5.97 -8.68
C THR A 237 -29.32 4.86 -9.62
N GLN A 238 -30.13 3.81 -9.71
CA GLN A 238 -29.76 2.56 -10.36
C GLN A 238 -28.59 1.89 -9.64
N ALA A 239 -28.38 2.24 -8.38
CA ALA A 239 -27.36 1.61 -7.54
C ALA A 239 -27.95 0.41 -6.83
N GLU A 240 -27.42 -0.77 -7.14
CA GLU A 240 -27.95 -2.03 -6.61
C GLU A 240 -27.95 -2.08 -5.09
N MET A 241 -29.01 -2.64 -4.54
CA MET A 241 -29.15 -2.85 -3.10
C MET A 241 -29.75 -4.21 -2.85
N ILE A 242 -29.47 -4.79 -1.68
CA ILE A 242 -30.05 -6.05 -1.27
C ILE A 242 -31.39 -5.79 -0.60
N TYR A 243 -32.47 -6.17 -1.27
CA TYR A 243 -33.82 -6.01 -0.70
C TYR A 243 -34.71 -7.20 -1.05
N PRO A 244 -35.52 -7.66 -0.09
CA PRO A 244 -36.54 -8.66 -0.41
C PRO A 244 -37.61 -8.10 -1.34
N PRO A 245 -38.36 -8.97 -2.05
CA PRO A 245 -39.45 -8.53 -2.93
C PRO A 245 -40.51 -7.69 -2.21
N GLN A 246 -40.73 -7.95 -0.93
CA GLN A 246 -41.80 -7.30 -0.17
C GLN A 246 -41.58 -5.81 0.02
N VAL A 247 -40.31 -5.38 -0.03
CA VAL A 247 -39.99 -3.98 0.14
C VAL A 247 -40.40 -3.20 -1.12
N PRO A 248 -41.38 -2.29 -0.98
CA PRO A 248 -41.84 -1.56 -2.17
C PRO A 248 -40.75 -0.67 -2.76
N GLU A 249 -40.97 -0.21 -3.98
CA GLU A 249 -39.97 0.50 -4.77
C GLU A 249 -39.49 1.78 -4.08
N HIS A 250 -40.44 2.55 -3.55
CA HIS A 250 -40.14 3.86 -2.99
C HIS A 250 -39.44 3.77 -1.63
N LEU A 251 -39.30 2.56 -1.09
CA LEU A 251 -38.62 2.36 0.19
C LEU A 251 -37.27 1.66 0.05
N ARG A 252 -36.82 1.47 -1.19
CA ARG A 252 -35.51 0.87 -1.42
C ARG A 252 -34.43 1.94 -1.45
N PHE A 253 -33.99 2.36 -0.27
CA PHE A 253 -32.96 3.37 -0.13
C PHE A 253 -31.62 2.83 -0.62
N ALA A 254 -30.91 3.64 -1.40
CA ALA A 254 -29.60 3.27 -1.92
C ALA A 254 -28.51 4.03 -1.18
N VAL A 255 -27.57 3.29 -0.61
CA VAL A 255 -26.40 3.87 0.04
C VAL A 255 -25.16 3.12 -0.40
N GLY A 256 -24.00 3.55 0.06
CA GLY A 256 -22.72 2.99 -0.37
C GLY A 256 -22.68 1.47 -0.25
N GLN A 257 -23.09 0.97 0.91
CA GLN A 257 -23.06 -0.47 1.19
C GLN A 257 -24.36 -1.16 0.78
N GLU A 258 -24.23 -2.19 -0.05
CA GLU A 258 -25.39 -2.89 -0.61
C GLU A 258 -26.27 -3.57 0.44
N VAL A 259 -25.73 -3.84 1.64
CA VAL A 259 -26.47 -4.61 2.63
C VAL A 259 -27.07 -3.75 3.74
N PHE A 260 -26.86 -2.45 3.70
CA PHE A 260 -27.29 -1.58 4.79
C PHE A 260 -28.80 -1.39 4.85
N GLY A 261 -29.52 -1.92 3.86
CA GLY A 261 -30.97 -1.93 3.92
C GLY A 261 -31.49 -3.03 4.82
N LEU A 262 -30.60 -3.94 5.22
CA LEU A 262 -30.95 -5.09 6.04
C LEU A 262 -31.61 -4.70 7.37
N VAL A 263 -31.09 -3.66 8.02
CA VAL A 263 -31.57 -3.28 9.33
C VAL A 263 -31.61 -1.74 9.48
N PRO A 264 -32.74 -1.19 9.99
CA PRO A 264 -32.94 0.26 10.11
C PRO A 264 -31.88 1.00 10.92
N GLY A 265 -31.25 0.31 11.87
CA GLY A 265 -30.17 0.89 12.64
C GLY A 265 -29.00 1.28 11.74
N LEU A 266 -28.76 0.48 10.71
CA LEU A 266 -27.73 0.79 9.74
C LEU A 266 -28.16 1.95 8.85
N MET A 267 -29.43 1.94 8.46
CA MET A 267 -29.94 2.97 7.57
C MET A 267 -30.02 4.30 8.29
N MET A 268 -30.12 4.25 9.62
CA MET A 268 -30.10 5.47 10.42
C MET A 268 -28.75 6.17 10.31
N TYR A 269 -27.68 5.44 10.60
CA TYR A 269 -26.33 6.01 10.52
C TYR A 269 -25.97 6.41 9.08
N ALA A 270 -26.44 5.64 8.11
CA ALA A 270 -26.21 5.97 6.71
C ALA A 270 -26.86 7.30 6.38
N THR A 271 -28.06 7.51 6.90
CA THR A 271 -28.77 8.77 6.70
C THR A 271 -28.03 9.92 7.39
N ILE A 272 -27.58 9.68 8.62
CA ILE A 272 -26.89 10.71 9.38
C ILE A 272 -25.62 11.14 8.67
N TRP A 273 -24.82 10.17 8.22
CA TRP A 273 -23.56 10.45 7.53
C TRP A 273 -23.79 11.11 6.18
N LEU A 274 -24.84 10.67 5.48
CA LEU A 274 -25.25 11.30 4.23
C LEU A 274 -25.53 12.79 4.45
N ARG A 275 -26.31 13.09 5.48
CA ARG A 275 -26.61 14.48 5.84
C ARG A 275 -25.33 15.25 6.16
N GLU A 276 -24.42 14.62 6.89
CA GLU A 276 -23.17 15.25 7.28
C GLU A 276 -22.34 15.62 6.06
N HIS A 277 -22.30 14.76 5.06
CA HIS A 277 -21.54 15.04 3.84
C HIS A 277 -22.08 16.30 3.16
N ASN A 278 -23.40 16.37 3.01
CA ASN A 278 -24.02 17.52 2.36
C ASN A 278 -23.91 18.78 3.22
N ARG A 279 -23.80 18.60 4.53
CA ARG A 279 -23.57 19.73 5.42
C ARG A 279 -22.18 20.32 5.22
N VAL A 280 -21.18 19.45 5.13
CA VAL A 280 -19.80 19.87 4.90
C VAL A 280 -19.64 20.51 3.51
N CYS A 281 -20.40 20.01 2.54
CA CYS A 281 -20.40 20.63 1.20
C CYS A 281 -20.85 22.08 1.28
N ASP A 282 -21.84 22.34 2.12
CA ASP A 282 -22.35 23.70 2.30
C ASP A 282 -21.31 24.59 2.96
N VAL A 283 -20.62 24.05 3.98
CA VAL A 283 -19.56 24.81 4.65
C VAL A 283 -18.44 25.15 3.69
N LEU A 284 -17.98 24.16 2.93
CA LEU A 284 -16.87 24.37 2.00
C LEU A 284 -17.25 25.28 0.84
N LYS A 285 -18.51 25.22 0.42
CA LYS A 285 -19.01 26.12 -0.62
C LYS A 285 -18.90 27.56 -0.15
N GLN A 286 -19.24 27.79 1.11
CA GLN A 286 -19.17 29.11 1.71
C GLN A 286 -17.72 29.61 1.72
N GLU A 287 -16.80 28.71 2.04
CA GLU A 287 -15.38 29.05 2.11
C GLU A 287 -14.74 29.16 0.73
N HIS A 288 -15.22 28.36 -0.22
CA HIS A 288 -14.66 28.33 -1.57
C HIS A 288 -15.72 28.42 -2.66
N PRO A 289 -16.21 29.64 -2.93
CA PRO A 289 -17.20 29.80 -3.99
C PRO A 289 -16.60 29.56 -5.38
N GLU A 290 -15.28 29.53 -5.47
CA GLU A 290 -14.59 29.29 -6.74
C GLU A 290 -14.45 27.79 -7.03
N TRP A 291 -14.72 26.96 -6.03
CA TRP A 291 -14.57 25.52 -6.19
C TRP A 291 -15.70 24.94 -7.00
N GLY A 292 -15.39 23.90 -7.77
CA GLY A 292 -16.38 23.16 -8.53
C GLY A 292 -16.87 21.95 -7.75
N ASP A 293 -17.80 21.21 -8.36
CA ASP A 293 -18.45 20.08 -7.71
C ASP A 293 -17.48 18.97 -7.33
N GLU A 294 -16.52 18.68 -8.21
CA GLU A 294 -15.59 17.59 -7.97
C GLU A 294 -14.74 17.85 -6.73
N GLN A 295 -14.10 19.00 -6.65
CA GLN A 295 -13.26 19.32 -5.49
C GLN A 295 -14.07 19.46 -4.20
N LEU A 296 -15.31 19.94 -4.31
CA LEU A 296 -16.20 20.01 -3.16
C LEU A 296 -16.51 18.60 -2.65
N PHE A 297 -16.70 17.67 -3.57
CA PHE A 297 -16.98 16.29 -3.19
C PHE A 297 -15.78 15.61 -2.55
N GLN A 298 -14.62 15.73 -3.19
CA GLN A 298 -13.42 15.02 -2.73
C GLN A 298 -12.96 15.57 -1.38
N THR A 299 -13.01 16.90 -1.22
CA THR A 299 -12.57 17.50 0.03
C THR A 299 -13.52 17.13 1.19
N SER A 300 -14.81 17.11 0.90
CA SER A 300 -15.80 16.68 1.89
C SER A 300 -15.56 15.24 2.34
N ARG A 301 -15.25 14.37 1.39
CA ARG A 301 -14.97 12.97 1.70
C ARG A 301 -13.79 12.86 2.67
N LEU A 302 -12.70 13.55 2.37
CA LEU A 302 -11.52 13.54 3.23
C LEU A 302 -11.83 14.04 4.64
N ILE A 303 -12.75 15.01 4.74
CA ILE A 303 -13.13 15.53 6.04
C ILE A 303 -13.93 14.50 6.85
N LEU A 304 -14.92 13.88 6.21
CA LEU A 304 -15.73 12.87 6.90
C LEU A 304 -14.88 11.70 7.36
N ILE A 305 -13.86 11.34 6.56
CA ILE A 305 -12.91 10.30 6.97
C ILE A 305 -12.25 10.72 8.27
N GLY A 306 -11.81 11.98 8.31
CA GLY A 306 -11.21 12.54 9.51
C GLY A 306 -12.15 12.52 10.68
N GLU A 307 -13.40 12.90 10.45
CA GLU A 307 -14.42 12.85 11.49
C GLU A 307 -14.61 11.44 12.02
N THR A 308 -14.60 10.47 11.10
CA THR A 308 -14.84 9.09 11.46
C THR A 308 -13.75 8.61 12.42
N ILE A 309 -12.50 8.82 12.04
CA ILE A 309 -11.38 8.39 12.88
C ILE A 309 -11.40 9.12 14.22
N LYS A 310 -11.69 10.42 14.17
CA LYS A 310 -11.81 11.23 15.37
C LYS A 310 -12.81 10.64 16.34
N ILE A 311 -14.02 10.40 15.84
CA ILE A 311 -15.12 9.91 16.67
C ILE A 311 -14.82 8.51 17.20
N VAL A 312 -14.25 7.67 16.36
CA VAL A 312 -13.98 6.28 16.75
C VAL A 312 -12.99 6.24 17.91
N ILE A 313 -11.93 7.04 17.84
CA ILE A 313 -10.94 7.03 18.90
C ILE A 313 -11.47 7.66 20.19
N GLU A 314 -12.00 8.87 20.08
CA GLU A 314 -12.25 9.68 21.27
C GLU A 314 -13.61 9.44 21.91
N ASP A 315 -14.54 8.83 21.17
CA ASP A 315 -15.86 8.50 21.71
C ASP A 315 -16.10 7.00 21.77
N TYR A 316 -15.90 6.32 20.65
CA TYR A 316 -16.20 4.89 20.53
C TYR A 316 -15.22 4.04 21.34
N VAL A 317 -13.93 4.10 21.00
CA VAL A 317 -12.93 3.35 21.73
C VAL A 317 -12.85 3.84 23.18
N GLN A 318 -13.06 5.13 23.36
CA GLN A 318 -13.07 5.73 24.70
C GLN A 318 -14.07 5.04 25.61
N HIS A 319 -15.29 4.85 25.11
CA HIS A 319 -16.33 4.19 25.88
C HIS A 319 -16.05 2.71 26.06
N LEU A 320 -15.55 2.09 25.01
CA LEU A 320 -15.30 0.65 25.02
C LEU A 320 -14.20 0.29 26.00
N SER A 321 -13.16 1.11 26.06
CA SER A 321 -12.01 0.83 26.92
C SER A 321 -12.35 0.98 28.39
N GLY A 322 -13.29 1.87 28.70
CA GLY A 322 -13.64 2.16 30.07
C GLY A 322 -12.54 2.95 30.78
N TYR A 323 -11.62 3.51 30.01
CA TYR A 323 -10.51 4.27 30.58
C TYR A 323 -10.96 5.59 31.18
N HIS A 324 -10.32 5.98 32.27
CA HIS A 324 -10.48 7.32 32.82
C HIS A 324 -9.55 8.28 32.08
N PHE A 325 -8.54 7.72 31.43
CA PHE A 325 -7.65 8.50 30.57
C PHE A 325 -8.38 8.90 29.29
N LYS A 326 -8.21 10.15 28.89
CA LYS A 326 -8.92 10.70 27.75
C LYS A 326 -8.13 10.49 26.46
N LEU A 327 -8.50 9.45 25.72
CA LEU A 327 -7.86 9.15 24.44
C LEU A 327 -7.89 10.35 23.51
N LYS A 328 -6.88 10.46 22.65
CA LYS A 328 -6.74 11.60 21.75
C LYS A 328 -6.40 11.17 20.33
N PHE A 329 -7.14 11.69 19.36
CA PHE A 329 -6.80 11.52 17.95
C PHE A 329 -5.89 12.65 17.52
N ASP A 330 -4.63 12.33 17.29
CA ASP A 330 -3.62 13.30 16.89
C ASP A 330 -2.49 12.61 16.12
N PRO A 331 -2.54 12.67 14.78
CA PRO A 331 -1.51 12.06 13.92
C PRO A 331 -0.09 12.57 14.17
N GLU A 332 0.05 13.77 14.71
CA GLU A 332 1.38 14.34 14.96
C GLU A 332 2.15 13.52 15.98
N LEU A 333 1.44 12.76 16.81
CA LEU A 333 2.09 11.94 17.83
C LEU A 333 3.00 10.87 17.22
N LEU A 334 2.77 10.53 15.96
CA LEU A 334 3.53 9.47 15.29
C LEU A 334 4.59 10.00 14.32
N PHE A 335 4.67 11.32 14.17
CA PHE A 335 5.55 11.89 13.13
C PHE A 335 7.03 11.72 13.43
N ASN A 336 7.37 11.47 14.68
CA ASN A 336 8.76 11.21 15.06
C ASN A 336 8.97 9.73 15.39
N LYS A 337 8.04 8.88 14.97
CA LYS A 337 8.08 7.45 15.25
C LYS A 337 8.23 6.63 13.99
N GLN A 338 8.61 5.36 14.15
CA GLN A 338 8.58 4.39 13.06
C GLN A 338 7.18 3.81 12.94
N PHE A 339 6.46 4.19 11.89
CA PHE A 339 5.10 3.71 11.69
C PHE A 339 4.79 3.60 10.20
N GLN A 340 4.17 2.50 9.80
CA GLN A 340 3.78 2.27 8.40
C GLN A 340 2.36 2.77 8.13
N TYR A 341 2.25 3.75 7.23
CA TYR A 341 0.94 4.27 6.85
C TYR A 341 0.32 3.40 5.75
N GLN A 342 -0.01 2.17 6.13
CA GLN A 342 -0.72 1.25 5.28
C GLN A 342 -1.35 0.20 6.17
N ASN A 343 -2.31 -0.55 5.64
CA ASN A 343 -3.02 -1.53 6.44
C ASN A 343 -3.70 -2.58 5.58
N ARG A 344 -3.76 -3.81 6.08
CA ARG A 344 -4.47 -4.90 5.44
C ARG A 344 -5.35 -5.56 6.49
N ILE A 345 -6.64 -5.65 6.22
CA ILE A 345 -7.60 -6.16 7.19
C ILE A 345 -7.38 -7.64 7.46
N ALA A 346 -7.21 -7.98 8.73
CA ALA A 346 -6.96 -9.35 9.15
C ALA A 346 -8.26 -10.12 9.33
N ALA A 347 -8.29 -11.34 8.82
CA ALA A 347 -9.45 -12.22 8.96
C ALA A 347 -9.81 -12.44 10.42
N GLU A 348 -8.81 -12.51 11.29
CA GLU A 348 -9.05 -12.71 12.71
C GLU A 348 -9.69 -11.48 13.33
N PHE A 349 -9.34 -10.30 12.82
CA PHE A 349 -9.97 -9.08 13.30
C PHE A 349 -11.46 -9.15 13.02
N ASN A 350 -11.80 -9.65 11.84
CA ASN A 350 -13.19 -9.83 11.46
C ASN A 350 -13.89 -10.80 12.40
N THR A 351 -13.31 -11.99 12.56
CA THR A 351 -13.88 -13.01 13.43
C THR A 351 -14.15 -12.49 14.84
N LEU A 352 -13.14 -11.88 15.45
CA LEU A 352 -13.24 -11.43 16.83
C LEU A 352 -14.31 -10.34 16.98
N TYR A 353 -14.66 -9.67 15.88
CA TYR A 353 -15.62 -8.59 15.92
C TYR A 353 -17.06 -9.05 15.70
N HIS A 354 -17.29 -10.36 15.74
CA HIS A 354 -18.65 -10.90 15.69
C HIS A 354 -19.31 -10.75 17.06
N TRP A 355 -19.75 -9.53 17.38
CA TRP A 355 -20.29 -9.21 18.68
C TRP A 355 -21.80 -9.39 18.72
N HIS A 356 -22.25 -10.59 18.32
CA HIS A 356 -23.67 -10.93 18.26
C HIS A 356 -24.39 -10.76 19.60
N PRO A 357 -23.72 -11.04 20.73
CA PRO A 357 -24.38 -10.84 22.01
C PRO A 357 -24.86 -9.41 22.28
N LEU A 358 -24.35 -8.43 21.52
CA LEU A 358 -24.76 -7.04 21.69
C LEU A 358 -26.24 -6.87 21.41
N LEU A 359 -26.78 -7.73 20.57
CA LEU A 359 -28.14 -7.57 20.07
C LEU A 359 -29.19 -7.88 21.15
N PRO A 360 -30.21 -7.02 21.28
CA PRO A 360 -31.27 -7.24 22.27
C PRO A 360 -32.27 -8.30 21.82
N ASP A 361 -33.23 -8.61 22.69
CA ASP A 361 -34.29 -9.56 22.35
C ASP A 361 -35.31 -8.89 21.44
N THR A 362 -35.63 -7.63 21.73
CA THR A 362 -36.48 -6.83 20.87
C THR A 362 -35.90 -5.42 20.73
N PHE A 363 -36.24 -4.75 19.64
CA PHE A 363 -35.82 -3.38 19.41
C PHE A 363 -36.95 -2.44 19.82
N GLN A 364 -36.62 -1.42 20.60
CA GLN A 364 -37.60 -0.55 21.23
C GLN A 364 -37.52 0.88 20.69
N ILE A 365 -38.42 1.23 19.78
CA ILE A 365 -38.49 2.57 19.23
C ILE A 365 -39.73 3.29 19.74
N HIS A 366 -39.52 4.34 20.53
CA HIS A 366 -40.62 5.09 21.12
C HIS A 366 -41.51 4.16 21.95
N ASP A 367 -42.78 4.02 21.56
CA ASP A 367 -43.71 3.13 22.26
C ASP A 367 -43.67 1.71 21.71
N GLN A 368 -43.29 1.59 20.44
CA GLN A 368 -43.33 0.32 19.75
C GLN A 368 -42.17 -0.61 20.14
N LYS A 369 -42.42 -1.90 20.03
CA LYS A 369 -41.41 -2.93 20.24
C LYS A 369 -41.44 -3.91 19.08
N TYR A 370 -40.32 -4.05 18.38
CA TYR A 370 -40.24 -4.90 17.20
C TYR A 370 -39.36 -6.12 17.43
N ASN A 371 -39.83 -7.28 17.01
CA ASN A 371 -39.00 -8.47 16.98
C ASN A 371 -38.12 -8.42 15.74
N TYR A 372 -37.24 -9.40 15.59
CA TYR A 372 -36.29 -9.40 14.48
C TYR A 372 -36.99 -9.48 13.13
N GLN A 373 -38.08 -10.23 13.06
CA GLN A 373 -38.81 -10.41 11.82
C GLN A 373 -39.43 -9.09 11.36
N GLN A 374 -39.90 -8.30 12.33
CA GLN A 374 -40.57 -7.03 12.05
C GLN A 374 -39.57 -5.91 11.78
N PHE A 375 -38.37 -6.06 12.31
CA PHE A 375 -37.37 -5.00 12.29
C PHE A 375 -36.49 -5.08 11.05
N ILE A 376 -36.29 -6.30 10.55
CA ILE A 376 -35.40 -6.54 9.43
C ILE A 376 -35.97 -5.97 8.13
N TYR A 377 -35.10 -5.33 7.35
CA TYR A 377 -35.45 -4.73 6.06
C TYR A 377 -36.62 -3.75 6.13
N ASN A 378 -36.74 -3.04 7.25
CA ASN A 378 -37.90 -2.16 7.46
C ASN A 378 -37.59 -0.67 7.52
N ASN A 379 -37.53 -0.05 6.35
CA ASN A 379 -37.31 1.39 6.28
C ASN A 379 -38.59 2.17 6.61
N SER A 380 -39.75 1.49 6.61
CA SER A 380 -41.00 2.12 7.04
C SER A 380 -40.88 2.62 8.47
N ILE A 381 -40.28 1.80 9.33
CA ILE A 381 -40.11 2.15 10.73
C ILE A 381 -39.26 3.40 10.85
N LEU A 382 -38.29 3.52 9.96
CA LEU A 382 -37.41 4.69 9.95
C LEU A 382 -38.20 5.94 9.59
N LEU A 383 -39.03 5.83 8.56
CA LEU A 383 -39.82 6.98 8.13
C LEU A 383 -40.96 7.27 9.10
N GLU A 384 -41.50 6.23 9.72
CA GLU A 384 -42.59 6.38 10.67
C GLU A 384 -42.16 7.19 11.88
N HIS A 385 -41.05 6.82 12.48
CA HIS A 385 -40.58 7.44 13.72
C HIS A 385 -39.65 8.62 13.48
N GLY A 386 -38.82 8.52 12.45
CA GLY A 386 -37.85 9.57 12.14
C GLY A 386 -36.54 9.34 12.88
N ILE A 387 -35.47 9.93 12.35
CA ILE A 387 -34.13 9.76 12.91
C ILE A 387 -34.07 10.22 14.36
N THR A 388 -34.71 11.35 14.65
CA THR A 388 -34.68 11.92 15.99
C THR A 388 -35.19 10.92 17.03
N GLN A 389 -36.36 10.37 16.78
CA GLN A 389 -36.96 9.37 17.67
C GLN A 389 -36.07 8.12 17.74
N PHE A 390 -35.42 7.79 16.62
CA PHE A 390 -34.51 6.66 16.58
C PHE A 390 -33.33 6.86 17.51
N VAL A 391 -32.72 8.05 17.43
CA VAL A 391 -31.56 8.37 18.27
C VAL A 391 -31.94 8.35 19.74
N GLU A 392 -33.04 9.01 20.09
CA GLU A 392 -33.51 9.06 21.48
C GLU A 392 -33.71 7.65 22.03
N SER A 393 -34.35 6.80 21.24
CA SER A 393 -34.64 5.43 21.65
C SER A 393 -33.39 4.56 21.75
N PHE A 394 -32.49 4.67 20.78
CA PHE A 394 -31.28 3.86 20.76
C PHE A 394 -30.32 4.24 21.86
N THR A 395 -30.37 5.51 22.26
CA THR A 395 -29.51 6.00 23.33
C THR A 395 -29.94 5.42 24.67
N ARG A 396 -31.25 5.12 24.78
CA ARG A 396 -31.83 4.66 26.03
C ARG A 396 -31.75 3.14 26.21
N GLN A 397 -31.80 2.40 25.12
CA GLN A 397 -31.82 0.94 25.19
C GLN A 397 -30.42 0.37 25.35
N ILE A 398 -30.25 -0.49 26.35
CA ILE A 398 -28.94 -1.07 26.65
C ILE A 398 -28.68 -2.29 25.77
N ALA A 399 -27.40 -2.53 25.49
CA ALA A 399 -26.97 -3.67 24.68
C ALA A 399 -26.62 -4.85 25.58
N GLY A 400 -26.39 -6.01 24.97
CA GLY A 400 -26.03 -7.20 25.71
C GLY A 400 -24.53 -7.32 25.92
N ARG A 401 -24.14 -8.05 26.96
CA ARG A 401 -22.73 -8.28 27.26
C ARG A 401 -22.10 -9.28 26.27
N VAL A 402 -20.89 -9.00 25.83
CA VAL A 402 -20.26 -9.79 24.78
C VAL A 402 -19.52 -11.02 25.32
N ALA A 403 -18.65 -10.80 26.31
CA ALA A 403 -17.95 -11.91 26.95
C ALA A 403 -18.81 -12.50 28.05
N GLY A 404 -18.34 -13.58 28.67
CA GLY A 404 -19.03 -14.18 29.79
C GLY A 404 -19.95 -15.33 29.40
N GLY A 405 -20.14 -15.53 28.10
CA GLY A 405 -20.87 -16.68 27.61
C GLY A 405 -22.38 -16.56 27.62
N ARG A 406 -23.02 -17.42 26.83
CA ARG A 406 -24.47 -17.61 26.80
C ARG A 406 -25.26 -16.30 26.75
N ASN A 407 -25.04 -15.51 25.70
CA ASN A 407 -25.77 -14.27 25.54
C ASN A 407 -26.05 -13.95 24.07
N VAL A 408 -25.96 -14.96 23.21
CA VAL A 408 -26.28 -14.80 21.80
C VAL A 408 -27.78 -15.01 21.57
N PRO A 409 -28.46 -14.04 20.95
CA PRO A 409 -29.89 -14.21 20.67
C PRO A 409 -30.16 -15.43 19.78
N PRO A 410 -31.11 -16.30 20.17
CA PRO A 410 -31.41 -17.50 19.37
C PRO A 410 -31.80 -17.19 17.92
N ALA A 411 -32.16 -15.94 17.65
CA ALA A 411 -32.54 -15.53 16.30
C ALA A 411 -31.35 -15.60 15.34
N VAL A 412 -30.16 -15.30 15.83
CA VAL A 412 -28.95 -15.33 15.01
C VAL A 412 -28.08 -16.55 15.33
N GLN A 413 -28.72 -17.63 15.76
CA GLN A 413 -28.01 -18.86 16.11
C GLN A 413 -27.20 -19.41 14.93
N LYS A 414 -27.76 -19.29 13.73
CA LYS A 414 -27.10 -19.76 12.52
C LYS A 414 -25.83 -18.95 12.22
N VAL A 415 -25.87 -17.66 12.52
CA VAL A 415 -24.75 -16.77 12.27
C VAL A 415 -23.60 -17.08 13.22
N SER A 416 -23.94 -17.41 14.45
CA SER A 416 -22.94 -17.78 15.45
C SER A 416 -22.21 -19.05 15.01
N GLN A 417 -22.98 -20.03 14.53
CA GLN A 417 -22.43 -21.28 14.06
C GLN A 417 -21.56 -21.08 12.81
N ALA A 418 -22.03 -20.23 11.91
CA ALA A 418 -21.30 -19.94 10.68
C ALA A 418 -19.91 -19.39 11.02
N SER A 419 -19.84 -18.53 12.04
CA SER A 419 -18.58 -17.94 12.45
C SER A 419 -17.59 -19.03 12.88
N ILE A 420 -18.09 -20.06 13.57
CA ILE A 420 -17.26 -21.19 13.95
C ILE A 420 -16.89 -22.01 12.71
N ASP A 421 -17.88 -22.35 11.91
CA ASP A 421 -17.66 -23.17 10.72
C ASP A 421 -16.69 -22.49 9.74
N GLN A 422 -16.87 -21.19 9.54
CA GLN A 422 -16.02 -20.45 8.61
C GLN A 422 -14.59 -20.31 9.14
N SER A 423 -14.45 -20.29 10.47
CA SER A 423 -13.13 -20.24 11.09
C SER A 423 -12.37 -21.53 10.81
N ARG A 424 -13.11 -22.61 10.62
CA ARG A 424 -12.51 -23.93 10.44
C ARG A 424 -12.06 -24.15 9.00
N GLN A 425 -12.82 -23.67 8.03
CA GLN A 425 -12.43 -23.83 6.64
C GLN A 425 -11.27 -22.89 6.30
N MET A 426 -11.09 -21.85 7.11
CA MET A 426 -9.93 -20.98 6.98
C MET A 426 -8.74 -21.49 7.82
N LYS A 427 -8.93 -22.62 8.50
CA LYS A 427 -7.87 -23.27 9.26
C LYS A 427 -7.23 -22.36 10.31
N TYR A 428 -8.06 -21.76 11.16
CA TYR A 428 -7.57 -20.95 12.27
C TYR A 428 -6.81 -21.80 13.28
N GLN A 429 -5.71 -21.27 13.81
CA GLN A 429 -5.03 -21.91 14.92
C GLN A 429 -5.84 -21.72 16.20
N SER A 430 -5.45 -22.41 17.25
CA SER A 430 -6.22 -22.42 18.49
C SER A 430 -6.18 -21.08 19.21
N PHE A 431 -7.10 -20.92 20.16
CA PHE A 431 -7.20 -19.74 21.00
C PHE A 431 -5.88 -19.44 21.69
N ASN A 432 -5.27 -20.45 22.30
CA ASN A 432 -4.00 -20.26 23.01
C ASN A 432 -2.86 -19.83 22.09
N GLU A 433 -2.90 -20.26 20.83
CA GLU A 433 -1.86 -19.84 19.89
C GLU A 433 -1.99 -18.34 19.61
N TYR A 434 -3.23 -17.85 19.55
CA TYR A 434 -3.47 -16.43 19.31
C TYR A 434 -3.19 -15.62 20.58
N ARG A 435 -3.35 -16.24 21.74
CA ARG A 435 -2.92 -15.61 22.99
C ARG A 435 -1.42 -15.30 22.90
N LYS A 436 -0.64 -16.34 22.60
CA LYS A 436 0.80 -16.22 22.52
C LYS A 436 1.23 -15.23 21.44
N ARG A 437 0.51 -15.25 20.32
CA ARG A 437 0.80 -14.35 19.20
C ARG A 437 0.74 -12.88 19.60
N PHE A 438 -0.07 -12.57 20.63
CA PHE A 438 -0.21 -11.19 21.09
C PHE A 438 0.30 -11.00 22.53
N MET A 439 1.39 -11.69 22.85
CA MET A 439 2.13 -11.46 24.09
C MET A 439 1.34 -11.79 25.36
N LEU A 440 0.46 -12.79 25.30
CA LEU A 440 -0.34 -13.18 26.46
C LEU A 440 -0.01 -14.60 26.89
N LYS A 441 -0.14 -14.85 28.20
CA LYS A 441 0.06 -16.17 28.75
C LYS A 441 -1.07 -17.09 28.28
N PRO A 442 -0.73 -18.30 27.82
CA PRO A 442 -1.80 -19.25 27.48
C PRO A 442 -2.54 -19.73 28.72
N TYR A 443 -3.83 -19.97 28.61
CA TYR A 443 -4.59 -20.52 29.73
C TYR A 443 -4.19 -21.97 29.99
N GLU A 444 -4.05 -22.33 31.26
CA GLU A 444 -3.62 -23.67 31.63
C GLU A 444 -4.80 -24.59 31.90
N SER A 445 -6.00 -24.02 31.91
CA SER A 445 -7.21 -24.79 32.19
C SER A 445 -8.45 -24.08 31.68
N PHE A 446 -9.54 -24.84 31.55
CA PHE A 446 -10.82 -24.29 31.12
C PHE A 446 -11.38 -23.35 32.17
N GLU A 447 -11.20 -23.73 33.43
CA GLU A 447 -11.69 -22.93 34.55
C GLU A 447 -10.97 -21.59 34.63
N GLU A 448 -9.72 -21.57 34.19
CA GLU A 448 -8.95 -20.33 34.15
C GLU A 448 -9.49 -19.40 33.07
N LEU A 449 -10.05 -20.00 32.02
CA LEU A 449 -10.59 -19.23 30.89
C LEU A 449 -11.92 -18.57 31.24
N THR A 450 -12.82 -19.34 31.83
CA THR A 450 -14.19 -18.87 32.10
C THR A 450 -14.32 -18.27 33.49
N GLY A 451 -13.45 -18.67 34.41
CA GLY A 451 -13.49 -18.17 35.77
C GLY A 451 -14.70 -18.68 36.53
N GLU A 452 -15.32 -19.74 36.02
CA GLU A 452 -16.48 -20.35 36.66
C GLU A 452 -16.41 -21.87 36.47
N LYS A 453 -17.48 -22.58 36.84
CA LYS A 453 -17.42 -24.03 36.95
C LYS A 453 -18.10 -24.81 35.81
N GLU A 454 -19.29 -24.39 35.40
CA GLU A 454 -20.09 -25.23 34.51
C GLU A 454 -19.75 -25.06 33.02
N MET A 455 -19.55 -23.84 32.56
CA MET A 455 -19.19 -23.63 31.16
C MET A 455 -17.82 -24.25 30.86
N SER A 456 -16.90 -24.13 31.81
CA SER A 456 -15.58 -24.74 31.67
C SER A 456 -15.69 -26.25 31.58
N ALA A 457 -16.64 -26.82 32.33
CA ALA A 457 -16.89 -28.25 32.28
C ALA A 457 -17.39 -28.68 30.91
N GLU A 458 -18.25 -27.88 30.31
CA GLU A 458 -18.76 -28.15 28.97
C GLU A 458 -17.64 -28.11 27.93
N LEU A 459 -16.75 -27.13 28.07
CA LEU A 459 -15.64 -26.97 27.15
C LEU A 459 -14.73 -28.20 27.18
N GLU A 460 -14.47 -28.69 28.38
CA GLU A 460 -13.60 -29.84 28.58
C GLU A 460 -14.21 -31.11 27.99
N ALA A 461 -15.53 -31.22 28.10
CA ALA A 461 -16.26 -32.35 27.53
C ALA A 461 -16.21 -32.30 26.02
N LEU A 462 -16.27 -31.09 25.47
CA LEU A 462 -16.24 -30.89 24.03
C LEU A 462 -14.82 -30.99 23.47
N TYR A 463 -13.91 -30.16 23.97
CA TYR A 463 -12.57 -30.04 23.40
C TYR A 463 -11.54 -31.00 24.01
N GLY A 464 -11.65 -31.25 25.31
CA GLY A 464 -10.71 -32.13 26.00
C GLY A 464 -9.48 -31.39 26.50
N ASP A 465 -8.76 -30.75 25.59
CA ASP A 465 -7.55 -30.00 25.93
C ASP A 465 -7.81 -28.50 25.83
N ILE A 466 -7.26 -27.75 26.77
CA ILE A 466 -7.44 -26.30 26.78
C ILE A 466 -6.77 -25.69 25.53
N ASP A 467 -5.74 -26.35 25.03
CA ASP A 467 -5.03 -25.87 23.84
C ASP A 467 -5.81 -26.16 22.56
N ALA A 468 -6.93 -26.88 22.68
CA ALA A 468 -7.73 -27.24 21.52
C ALA A 468 -8.95 -26.31 21.36
N VAL A 469 -9.16 -25.44 22.33
CA VAL A 469 -10.28 -24.51 22.28
C VAL A 469 -10.09 -23.51 21.14
N GLU A 470 -11.15 -23.26 20.39
CA GLU A 470 -11.09 -22.41 19.21
C GLU A 470 -11.20 -20.92 19.55
N LEU A 471 -10.76 -20.09 18.62
CA LEU A 471 -10.68 -18.64 18.84
C LEU A 471 -12.03 -18.00 19.15
N TYR A 472 -12.98 -18.13 18.22
CA TYR A 472 -14.26 -17.43 18.35
C TYR A 472 -15.06 -17.85 19.59
N PRO A 473 -15.26 -19.15 19.81
CA PRO A 473 -16.02 -19.55 21.01
C PRO A 473 -15.40 -19.10 22.33
N ALA A 474 -14.06 -19.16 22.41
CA ALA A 474 -13.37 -18.79 23.64
C ALA A 474 -13.53 -17.31 23.97
N LEU A 475 -13.52 -16.48 22.93
CA LEU A 475 -13.63 -15.03 23.13
C LEU A 475 -14.97 -14.66 23.76
N LEU A 476 -16.01 -15.43 23.47
CA LEU A 476 -17.35 -15.12 23.97
C LEU A 476 -17.67 -15.74 25.33
N VAL A 477 -16.96 -16.80 25.72
CA VAL A 477 -17.13 -17.40 27.04
C VAL A 477 -16.03 -16.99 28.00
N GLU A 478 -15.04 -16.26 27.51
CA GLU A 478 -13.92 -15.84 28.35
C GLU A 478 -14.41 -15.05 29.55
N LYS A 479 -13.75 -15.25 30.68
CA LYS A 479 -14.05 -14.47 31.88
C LYS A 479 -13.95 -12.97 31.56
N PRO A 480 -15.04 -12.23 31.75
CA PRO A 480 -14.97 -10.78 31.54
C PRO A 480 -14.04 -10.08 32.53
N ARG A 481 -13.51 -8.93 32.15
CA ARG A 481 -12.85 -8.06 33.11
C ARG A 481 -13.93 -7.49 34.04
N PRO A 482 -13.54 -7.07 35.25
CA PRO A 482 -14.51 -6.61 36.25
C PRO A 482 -15.49 -5.55 35.73
N ASP A 483 -16.78 -5.91 35.71
CA ASP A 483 -17.84 -5.01 35.25
C ASP A 483 -17.59 -4.52 33.83
N ALA A 484 -16.88 -5.33 33.04
CA ALA A 484 -16.52 -4.96 31.67
C ALA A 484 -17.28 -5.79 30.66
N ILE A 485 -17.30 -5.31 29.41
CA ILE A 485 -18.03 -5.97 28.34
C ILE A 485 -17.22 -7.13 27.75
N PHE A 486 -15.89 -7.05 27.89
CA PHE A 486 -14.97 -8.03 27.28
C PHE A 486 -14.07 -8.66 28.30
N GLY A 487 -13.31 -9.66 27.85
CA GLY A 487 -12.22 -10.23 28.61
C GLY A 487 -10.88 -9.74 28.06
N GLU A 488 -9.81 -10.18 28.70
CA GLU A 488 -8.45 -9.76 28.36
C GLU A 488 -8.09 -9.94 26.88
N THR A 489 -8.39 -11.12 26.35
CA THR A 489 -7.93 -11.48 25.01
C THR A 489 -8.56 -10.62 23.93
N MET A 490 -9.87 -10.39 24.03
CA MET A 490 -10.58 -9.57 23.06
C MET A 490 -9.91 -8.21 22.89
N VAL A 491 -9.53 -7.61 24.01
CA VAL A 491 -8.92 -6.29 23.99
C VAL A 491 -7.49 -6.31 23.47
N GLU A 492 -6.70 -7.29 23.91
CA GLU A 492 -5.28 -7.31 23.58
C GLU A 492 -5.02 -7.73 22.13
N VAL A 493 -6.00 -8.41 21.53
CA VAL A 493 -5.90 -8.80 20.13
C VAL A 493 -6.55 -7.76 19.23
N GLY A 494 -7.68 -7.23 19.66
CA GLY A 494 -8.42 -6.28 18.84
C GLY A 494 -7.79 -4.90 18.76
N ALA A 495 -7.29 -4.41 19.88
CA ALA A 495 -6.77 -3.05 19.97
C ALA A 495 -5.67 -2.76 18.94
N PRO A 496 -4.69 -3.67 18.81
CA PRO A 496 -3.65 -3.39 17.79
C PRO A 496 -4.17 -3.39 16.36
N PHE A 497 -5.08 -4.31 16.03
CA PHE A 497 -5.75 -4.28 14.74
C PHE A 497 -6.46 -2.95 14.52
N SER A 498 -7.21 -2.51 15.53
CA SER A 498 -8.02 -1.30 15.42
C SER A 498 -7.16 -0.05 15.24
N LEU A 499 -6.18 0.13 16.12
CA LEU A 499 -5.35 1.33 16.09
C LEU A 499 -4.54 1.43 14.80
N LYS A 500 -4.17 0.26 14.28
CA LYS A 500 -3.44 0.18 13.02
C LYS A 500 -4.28 0.69 11.85
N GLY A 501 -5.57 0.34 11.86
CA GLY A 501 -6.49 0.72 10.82
C GLY A 501 -6.84 2.20 10.89
N LEU A 502 -6.76 2.77 12.09
CA LEU A 502 -7.11 4.16 12.30
C LEU A 502 -5.93 5.09 11.99
N MET A 503 -4.81 4.87 12.68
CA MET A 503 -3.66 5.75 12.53
C MET A 503 -2.93 5.46 11.23
N GLY A 504 -3.13 4.27 10.68
CA GLY A 504 -2.48 3.89 9.44
C GLY A 504 -3.12 4.54 8.23
N ASN A 505 -4.28 5.16 8.42
CA ASN A 505 -4.98 5.81 7.32
C ASN A 505 -4.11 6.89 6.71
N VAL A 506 -4.17 7.02 5.39
CA VAL A 506 -3.30 7.93 4.66
C VAL A 506 -3.47 9.39 5.10
N ILE A 507 -4.66 9.80 5.52
CA ILE A 507 -4.84 11.19 5.93
C ILE A 507 -4.04 11.51 7.18
N CYS A 508 -3.59 10.47 7.89
CA CYS A 508 -2.79 10.66 9.10
C CYS A 508 -1.29 10.83 8.81
N SER A 509 -0.90 10.67 7.55
CA SER A 509 0.50 10.80 7.18
C SER A 509 0.88 12.28 7.09
N PRO A 510 2.14 12.62 7.39
CA PRO A 510 2.57 14.02 7.44
C PRO A 510 2.28 14.80 6.15
N ALA A 511 2.28 14.14 5.00
CA ALA A 511 2.01 14.82 3.74
C ALA A 511 0.52 15.19 3.60
N TYR A 512 -0.35 14.46 4.28
CA TYR A 512 -1.80 14.71 4.20
C TYR A 512 -2.33 15.52 5.37
N TRP A 513 -1.78 15.29 6.56
CA TRP A 513 -2.27 15.95 7.76
C TRP A 513 -1.91 17.43 7.78
N LYS A 514 -2.62 18.20 6.96
CA LYS A 514 -2.42 19.63 6.82
C LYS A 514 -3.77 20.30 6.58
N PRO A 515 -3.90 21.57 6.94
CA PRO A 515 -5.19 22.23 6.70
C PRO A 515 -5.57 22.33 5.22
N SER A 516 -4.59 22.52 4.33
CA SER A 516 -4.88 22.69 2.91
C SER A 516 -5.52 21.43 2.30
N THR A 517 -5.21 20.27 2.89
CA THR A 517 -5.82 19.02 2.46
C THR A 517 -7.33 19.05 2.63
N PHE A 518 -7.80 19.72 3.68
CA PHE A 518 -9.22 19.73 4.02
C PHE A 518 -9.87 21.09 3.73
N GLY A 519 -9.25 21.88 2.86
CA GLY A 519 -9.85 23.11 2.37
C GLY A 519 -9.56 24.34 3.21
N GLY A 520 -8.65 24.21 4.17
CA GLY A 520 -8.30 25.30 5.06
C GLY A 520 -8.64 24.97 6.49
N GLU A 521 -8.42 25.92 7.39
CA GLU A 521 -8.58 25.70 8.82
C GLU A 521 -10.01 25.35 9.20
N VAL A 522 -10.95 25.95 8.49
CA VAL A 522 -12.37 25.72 8.76
C VAL A 522 -12.69 24.25 8.57
N GLY A 523 -12.18 23.67 7.49
CA GLY A 523 -12.38 22.27 7.21
C GLY A 523 -11.61 21.40 8.17
N PHE A 524 -10.38 21.82 8.48
CA PHE A 524 -9.53 21.10 9.41
C PHE A 524 -10.18 21.04 10.79
N GLN A 525 -10.87 22.12 11.14
CA GLN A 525 -11.48 22.23 12.47
C GLN A 525 -12.67 21.28 12.62
N ILE A 526 -13.39 21.03 11.53
CA ILE A 526 -14.53 20.12 11.57
C ILE A 526 -14.06 18.75 12.05
N ILE A 527 -12.93 18.30 11.51
CA ILE A 527 -12.33 17.05 11.95
C ILE A 527 -11.98 17.11 13.42
N ASN A 528 -11.19 18.12 13.79
CA ASN A 528 -10.57 18.17 15.10
C ASN A 528 -11.52 18.51 16.25
N THR A 529 -12.77 18.86 15.91
CA THR A 529 -13.78 19.13 16.93
C THR A 529 -14.98 18.17 16.78
N ALA A 530 -14.81 17.12 15.99
CA ALA A 530 -15.90 16.19 15.72
C ALA A 530 -16.15 15.27 16.92
N SER A 531 -17.42 14.88 17.09
CA SER A 531 -17.82 13.96 18.14
C SER A 531 -19.14 13.30 17.77
N ILE A 532 -19.45 12.18 18.42
CA ILE A 532 -20.72 11.50 18.14
C ILE A 532 -21.88 12.40 18.53
N GLN A 533 -21.67 13.25 19.53
CA GLN A 533 -22.70 14.20 19.95
C GLN A 533 -22.91 15.28 18.89
N SER A 534 -21.82 15.85 18.38
CA SER A 534 -21.92 16.92 17.40
C SER A 534 -22.43 16.37 16.06
N LEU A 535 -22.06 15.13 15.75
CA LEU A 535 -22.53 14.47 14.53
C LEU A 535 -24.06 14.43 14.51
N ILE A 536 -24.64 14.03 15.64
CA ILE A 536 -26.09 13.95 15.77
C ILE A 536 -26.70 15.35 15.84
N CYS A 537 -26.04 16.24 16.57
CA CYS A 537 -26.59 17.58 16.80
C CYS A 537 -26.66 18.38 15.51
N ASN A 538 -25.69 18.17 14.62
CA ASN A 538 -25.62 18.92 13.38
C ASN A 538 -26.57 18.40 12.30
N ASN A 539 -27.01 17.15 12.39
CA ASN A 539 -27.74 16.50 11.31
C ASN A 539 -29.07 15.86 11.71
N VAL A 540 -29.38 15.88 13.01
CA VAL A 540 -30.64 15.31 13.50
C VAL A 540 -31.51 16.43 14.06
N LYS A 541 -32.74 16.51 13.55
CA LYS A 541 -33.69 17.55 13.92
C LYS A 541 -33.91 17.58 15.43
N GLY A 542 -33.81 18.77 16.00
CA GLY A 542 -34.01 18.96 17.43
C GLY A 542 -32.73 18.89 18.24
N CYS A 543 -31.66 18.37 17.65
CA CYS A 543 -30.38 18.22 18.33
C CYS A 543 -30.54 17.40 19.62
N PRO A 544 -30.96 16.13 19.48
CA PRO A 544 -31.13 15.32 20.69
C PRO A 544 -29.80 14.92 21.30
N PHE A 545 -29.79 14.73 22.62
CA PHE A 545 -28.62 14.22 23.31
C PHE A 545 -28.41 12.76 22.95
N THR A 546 -27.16 12.38 22.69
CA THR A 546 -26.83 10.99 22.45
C THR A 546 -25.49 10.62 23.06
N SER A 547 -25.28 9.32 23.22
CA SER A 547 -24.07 8.80 23.81
C SER A 547 -23.95 7.33 23.44
N PHE A 548 -22.78 6.75 23.67
CA PHE A 548 -22.57 5.35 23.40
C PHE A 548 -22.93 4.50 24.61
N SER A 549 -23.36 5.14 25.69
CA SER A 549 -23.81 4.42 26.88
C SER A 549 -25.17 4.95 27.34
N VAL A 550 -25.95 4.07 27.96
CA VAL A 550 -27.25 4.46 28.49
C VAL A 550 -27.06 5.37 29.71
N PRO A 551 -27.89 6.42 29.84
CA PRO A 551 -27.81 7.28 31.02
C PRO A 551 -28.50 6.69 32.24
N ASN B 1 -7.39 31.37 -11.94
CA ASN B 1 -6.96 30.57 -10.79
C ASN B 1 -5.62 31.07 -10.26
N PRO B 2 -5.61 31.68 -9.06
CA PRO B 2 -4.40 32.35 -8.58
C PRO B 2 -3.19 31.43 -8.44
N CYS B 3 -3.45 30.13 -8.30
CA CYS B 3 -2.37 29.16 -8.13
C CYS B 3 -1.69 28.77 -9.45
N CYS B 4 -2.15 29.36 -10.55
CA CYS B 4 -1.52 29.14 -11.85
C CYS B 4 -0.07 29.62 -11.85
N SER B 5 0.22 30.58 -10.97
CA SER B 5 1.55 31.17 -10.87
C SER B 5 2.54 30.27 -10.12
N HIS B 6 2.03 29.22 -9.46
CA HIS B 6 2.84 28.35 -8.62
C HIS B 6 3.60 29.16 -7.55
N PRO B 7 2.89 30.00 -6.79
CA PRO B 7 3.53 30.94 -5.88
C PRO B 7 4.20 30.28 -4.68
N CYS B 8 3.63 29.18 -4.19
CA CYS B 8 4.14 28.51 -3.00
C CYS B 8 5.47 27.82 -3.27
N GLN B 9 6.49 28.24 -2.52
CA GLN B 9 7.84 27.66 -2.67
C GLN B 9 8.10 26.56 -1.65
N ASN B 10 9.12 25.76 -1.91
CA ASN B 10 9.64 24.79 -0.95
C ASN B 10 8.61 23.76 -0.47
N ARG B 11 7.91 23.15 -1.42
CA ARG B 11 6.95 22.09 -1.13
C ARG B 11 5.68 22.60 -0.44
N GLY B 12 5.51 23.92 -0.38
CA GLY B 12 4.29 24.49 0.18
C GLY B 12 3.10 24.12 -0.70
N VAL B 13 1.91 24.06 -0.09
CA VAL B 13 0.70 23.66 -0.82
C VAL B 13 -0.15 24.89 -1.11
N CYS B 14 -0.47 25.10 -2.39
CA CYS B 14 -1.28 26.24 -2.82
C CYS B 14 -2.75 25.90 -2.77
N MET B 15 -3.56 26.86 -2.32
CA MET B 15 -5.00 26.69 -2.23
C MET B 15 -5.69 28.01 -2.58
N SER B 16 -6.73 27.95 -3.39
CA SER B 16 -7.46 29.15 -3.78
C SER B 16 -8.39 29.57 -2.64
N VAL B 17 -8.47 30.87 -2.40
CA VAL B 17 -9.38 31.43 -1.40
C VAL B 17 -10.23 32.50 -2.05
N GLY B 18 -11.39 32.10 -2.56
CA GLY B 18 -12.18 32.99 -3.39
C GLY B 18 -11.65 32.94 -4.80
N PHE B 19 -12.03 33.92 -5.62
CA PHE B 19 -11.68 33.91 -7.03
C PHE B 19 -10.32 34.57 -7.32
N ASP B 20 -9.90 35.50 -6.47
CA ASP B 20 -8.71 36.30 -6.76
C ASP B 20 -7.56 36.11 -5.78
N GLN B 21 -7.82 35.49 -4.63
CA GLN B 21 -6.79 35.28 -3.61
C GLN B 21 -6.37 33.82 -3.53
N TYR B 22 -5.15 33.59 -3.04
CA TYR B 22 -4.66 32.25 -2.73
C TYR B 22 -4.09 32.21 -1.33
N LYS B 23 -3.67 31.01 -0.92
CA LYS B 23 -3.14 30.78 0.41
C LYS B 23 -2.15 29.62 0.35
N CYS B 24 -0.97 29.83 0.92
CA CYS B 24 0.05 28.79 0.96
C CYS B 24 0.09 28.10 2.31
N ASP B 25 0.11 26.77 2.28
CA ASP B 25 0.25 25.96 3.48
C ASP B 25 1.72 25.56 3.63
N CYS B 26 2.41 26.19 4.56
CA CYS B 26 3.84 25.99 4.76
C CYS B 26 4.16 24.91 5.79
N THR B 27 3.13 24.21 6.25
CA THR B 27 3.28 23.20 7.30
C THR B 27 4.45 22.24 7.03
N ARG B 28 5.34 22.14 8.01
CA ARG B 28 6.46 21.20 7.98
C ARG B 28 7.36 21.35 6.75
N THR B 29 7.37 22.53 6.14
CA THR B 29 8.24 22.80 5.00
C THR B 29 9.61 23.30 5.45
N GLY B 30 9.69 23.85 6.65
CA GLY B 30 10.90 24.48 7.13
C GLY B 30 10.94 25.96 6.79
N PHE B 31 9.91 26.42 6.10
CA PHE B 31 9.80 27.82 5.69
C PHE B 31 8.48 28.42 6.19
N TYR B 32 8.41 29.75 6.18
CA TYR B 32 7.17 30.44 6.50
C TYR B 32 7.06 31.69 5.62
N GLY B 33 5.98 32.45 5.80
CA GLY B 33 5.71 33.61 4.98
C GLY B 33 4.60 33.33 3.99
N GLU B 34 4.10 34.39 3.37
CA GLU B 34 3.00 34.30 2.42
C GLU B 34 3.24 33.24 1.34
N ASN B 35 4.51 33.03 1.02
CA ASN B 35 4.91 32.16 -0.07
C ASN B 35 5.79 30.98 0.36
N CYS B 36 5.93 30.80 1.67
CA CYS B 36 6.85 29.79 2.21
C CYS B 36 8.27 30.02 1.70
N SER B 37 8.68 31.28 1.65
CA SER B 37 9.99 31.64 1.11
C SER B 37 10.99 32.02 2.19
N THR B 38 10.47 32.38 3.37
CA THR B 38 11.32 32.78 4.48
C THR B 38 11.73 31.56 5.31
N PRO B 39 13.02 31.23 5.32
CA PRO B 39 13.47 30.03 6.05
C PRO B 39 13.46 30.22 7.56
N GLU B 40 13.16 29.15 8.29
CA GLU B 40 13.28 29.16 9.75
C GLU B 40 14.76 29.15 10.13
N PHE B 41 15.03 29.18 11.43
CA PHE B 41 16.42 29.26 11.90
C PHE B 41 17.20 28.00 11.58
N LEU B 42 16.64 26.84 11.91
CA LEU B 42 17.27 25.56 11.61
C LEU B 42 17.49 25.41 10.11
N THR B 43 16.46 25.76 9.34
CA THR B 43 16.51 25.66 7.90
C THR B 43 17.61 26.54 7.31
N ARG B 44 17.74 27.75 7.86
CA ARG B 44 18.79 28.68 7.46
C ARG B 44 20.16 28.04 7.60
N ILE B 45 20.37 27.27 8.66
CA ILE B 45 21.63 26.59 8.85
C ILE B 45 21.74 25.40 7.94
N LYS B 46 20.74 24.56 7.97
CA LYS B 46 20.81 23.34 7.16
C LYS B 46 21.22 23.63 5.73
N LEU B 47 20.62 24.68 5.14
CA LEU B 47 20.95 25.08 3.78
C LEU B 47 22.41 25.50 3.65
N PHE B 48 22.97 26.00 4.74
CA PHE B 48 24.34 26.50 4.73
C PHE B 48 25.36 25.35 4.72
N LEU B 49 25.05 24.29 5.46
CA LEU B 49 25.97 23.15 5.54
C LEU B 49 25.79 22.17 4.39
N LYS B 50 24.62 22.17 3.78
CA LYS B 50 24.33 21.25 2.68
C LYS B 50 25.16 21.59 1.44
N PRO B 51 26.00 20.64 0.96
CA PRO B 51 26.76 20.89 -0.26
C PRO B 51 25.88 20.85 -1.51
N THR B 52 26.29 21.55 -2.57
CA THR B 52 25.56 21.47 -3.83
C THR B 52 25.74 20.08 -4.42
N PRO B 53 24.74 19.58 -5.17
CA PRO B 53 24.86 18.25 -5.75
C PRO B 53 26.08 18.09 -6.67
N ASN B 54 26.43 19.15 -7.38
CA ASN B 54 27.59 19.10 -8.26
C ASN B 54 28.88 18.87 -7.48
N THR B 55 28.91 19.43 -6.26
CA THR B 55 30.06 19.24 -5.38
C THR B 55 30.12 17.79 -4.89
N VAL B 56 28.99 17.32 -4.36
CA VAL B 56 28.88 15.96 -3.86
C VAL B 56 29.23 14.94 -4.94
N HIS B 57 28.79 15.21 -6.16
CA HIS B 57 29.08 14.33 -7.29
C HIS B 57 30.57 14.28 -7.58
N TYR B 58 31.24 15.42 -7.44
CA TYR B 58 32.67 15.48 -7.68
C TYR B 58 33.42 14.61 -6.68
N ILE B 59 33.02 14.68 -5.42
CA ILE B 59 33.69 13.97 -4.34
C ILE B 59 33.52 12.45 -4.48
N LEU B 60 32.38 12.03 -5.00
CA LEU B 60 32.10 10.61 -5.16
C LEU B 60 32.75 10.04 -6.42
N THR B 61 33.13 10.91 -7.34
CA THR B 61 33.71 10.49 -8.62
C THR B 61 35.21 10.77 -8.70
N HIS B 62 35.78 11.20 -7.57
CA HIS B 62 37.22 11.42 -7.46
C HIS B 62 37.75 10.78 -6.19
N PHE B 63 39.03 11.01 -5.89
CA PHE B 63 39.67 10.44 -4.71
C PHE B 63 39.53 8.92 -4.68
N LYS B 64 39.87 8.28 -5.78
CA LYS B 64 39.67 6.85 -5.94
C LYS B 64 40.39 6.04 -4.87
N GLY B 65 41.52 6.55 -4.40
CA GLY B 65 42.29 5.89 -3.37
C GLY B 65 41.62 5.96 -2.01
N PHE B 66 41.05 7.13 -1.71
CA PHE B 66 40.34 7.32 -0.46
C PHE B 66 39.12 6.40 -0.35
N TRP B 67 38.33 6.35 -1.42
CA TRP B 67 37.14 5.51 -1.44
C TRP B 67 37.49 4.03 -1.34
N ASN B 68 38.67 3.67 -1.82
CA ASN B 68 39.15 2.31 -1.74
C ASN B 68 39.24 1.85 -0.28
N VAL B 69 39.48 2.77 0.63
CA VAL B 69 39.63 2.36 1.99
C VAL B 69 38.30 2.42 2.65
N VAL B 70 37.51 3.39 2.29
CA VAL B 70 36.16 3.48 2.85
C VAL B 70 35.35 2.22 2.52
N ASN B 71 35.53 1.72 1.29
CA ASN B 71 34.76 0.58 0.83
C ASN B 71 35.07 -0.70 1.61
N ASN B 72 36.26 -0.76 2.21
CA ASN B 72 36.69 -1.96 2.92
C ASN B 72 36.52 -1.85 4.44
N ILE B 73 35.98 -0.72 4.90
CA ILE B 73 35.61 -0.56 6.30
C ILE B 73 34.07 -0.53 6.39
N PRO B 74 33.45 -1.67 6.71
CA PRO B 74 31.99 -1.82 6.73
C PRO B 74 31.26 -0.75 7.53
N PHE B 75 31.83 -0.33 8.66
CA PHE B 75 31.25 0.72 9.47
C PHE B 75 31.05 1.99 8.65
N LEU B 76 32.06 2.35 7.86
CA LEU B 76 32.01 3.55 7.05
C LEU B 76 31.12 3.37 5.83
N ARG B 77 31.27 2.24 5.17
CA ARG B 77 30.49 1.95 3.96
C ARG B 77 29.00 1.90 4.28
N ASN B 78 28.64 1.26 5.40
CA ASN B 78 27.25 1.17 5.81
C ASN B 78 26.66 2.54 6.13
N ALA B 79 27.44 3.38 6.80
CA ALA B 79 26.97 4.69 7.22
C ALA B 79 26.73 5.60 6.03
N ILE B 80 27.67 5.57 5.08
CA ILE B 80 27.55 6.40 3.89
C ILE B 80 26.36 5.95 3.06
N MET B 81 26.27 4.64 2.79
CA MET B 81 25.16 4.12 2.01
C MET B 81 23.83 4.47 2.67
N SER B 82 23.80 4.43 3.99
CA SER B 82 22.60 4.77 4.74
C SER B 82 22.14 6.20 4.44
N TYR B 83 23.09 7.13 4.45
CA TYR B 83 22.76 8.53 4.17
C TYR B 83 22.28 8.71 2.74
N VAL B 84 22.92 8.03 1.80
CA VAL B 84 22.50 8.02 0.41
C VAL B 84 21.01 7.69 0.30
N LEU B 85 20.60 6.64 1.01
CA LEU B 85 19.21 6.19 0.96
C LEU B 85 18.26 7.20 1.55
N THR B 86 18.57 7.66 2.76
CA THR B 86 17.66 8.53 3.50
C THR B 86 17.56 9.92 2.89
N SER B 87 18.70 10.50 2.52
CA SER B 87 18.72 11.87 2.01
C SER B 87 17.90 12.04 0.73
N ARG B 88 17.82 10.99 -0.06
CA ARG B 88 17.05 11.01 -1.30
C ARG B 88 15.55 10.81 -1.04
N SER B 89 15.24 9.88 -0.14
CA SER B 89 13.88 9.40 0.04
C SER B 89 12.91 10.47 0.57
N HIS B 90 13.44 11.50 1.23
CA HIS B 90 12.59 12.53 1.79
C HIS B 90 12.01 13.44 0.70
N LEU B 91 12.48 13.26 -0.53
CA LEU B 91 11.98 14.02 -1.67
C LEU B 91 10.74 13.37 -2.31
N ILE B 92 10.41 12.16 -1.88
CA ILE B 92 9.26 11.43 -2.41
C ILE B 92 8.10 11.43 -1.41
N ASP B 93 6.91 11.77 -1.90
CA ASP B 93 5.71 11.70 -1.08
C ASP B 93 5.21 10.26 -1.00
N SER B 94 5.18 9.72 0.22
CA SER B 94 4.79 8.34 0.44
C SER B 94 4.04 8.25 1.77
N PRO B 95 2.74 7.90 1.74
CA PRO B 95 1.87 7.56 0.61
C PRO B 95 1.70 8.67 -0.43
N PRO B 96 1.33 8.31 -1.67
CA PRO B 96 1.33 9.23 -2.80
C PRO B 96 0.20 10.25 -2.75
N THR B 97 0.36 11.35 -3.48
CA THR B 97 -0.62 12.44 -3.46
C THR B 97 -1.30 12.60 -4.81
N TYR B 98 -0.77 13.48 -5.65
CA TYR B 98 -1.46 13.89 -6.87
C TYR B 98 -1.39 12.86 -7.99
N ASN B 99 -2.30 13.01 -8.96
CA ASN B 99 -2.13 12.39 -10.27
C ASN B 99 -2.58 13.39 -11.35
N ALA B 100 -2.70 12.92 -12.59
CA ALA B 100 -2.97 13.81 -13.71
C ALA B 100 -4.32 14.51 -13.60
N ASP B 101 -5.24 13.93 -12.85
CA ASP B 101 -6.59 14.47 -12.75
C ASP B 101 -6.82 15.28 -11.47
N TYR B 102 -5.85 15.30 -10.57
CA TYR B 102 -6.03 15.96 -9.27
C TYR B 102 -4.81 16.76 -8.84
N GLY B 103 -4.94 18.09 -8.88
CA GLY B 103 -3.91 18.98 -8.39
C GLY B 103 -4.08 19.29 -6.91
N TYR B 104 -5.06 18.64 -6.29
CA TYR B 104 -5.29 18.74 -4.86
C TYR B 104 -5.43 17.32 -4.29
N LYS B 105 -5.20 17.17 -3.00
CA LYS B 105 -5.34 15.86 -2.36
C LYS B 105 -6.78 15.36 -2.49
N SER B 106 -6.92 14.10 -2.89
CA SER B 106 -8.24 13.48 -2.97
C SER B 106 -8.12 11.98 -2.75
N TRP B 107 -9.20 11.35 -2.31
CA TRP B 107 -9.19 9.91 -2.10
C TRP B 107 -9.13 9.18 -3.43
N GLU B 108 -9.65 9.80 -4.47
CA GLU B 108 -9.59 9.22 -5.81
C GLU B 108 -8.14 9.11 -6.26
N ALA B 109 -7.39 10.19 -6.05
CA ALA B 109 -5.98 10.22 -6.45
C ALA B 109 -5.17 9.24 -5.61
N PHE B 110 -5.49 9.11 -4.33
CA PHE B 110 -4.76 8.18 -3.48
C PHE B 110 -5.06 6.73 -3.81
N SER B 111 -6.33 6.41 -4.02
CA SER B 111 -6.76 5.01 -4.01
C SER B 111 -6.74 4.35 -5.38
N ASN B 112 -6.85 5.13 -6.45
CA ASN B 112 -6.95 4.56 -7.79
C ASN B 112 -5.57 4.20 -8.37
N LEU B 113 -5.23 2.92 -8.29
CA LEU B 113 -3.91 2.43 -8.68
C LEU B 113 -3.68 2.46 -10.19
N SER B 114 -4.72 2.73 -10.97
CA SER B 114 -4.61 2.75 -12.41
C SER B 114 -3.86 3.97 -12.91
N TYR B 115 -3.75 4.98 -12.06
CA TYR B 115 -2.99 6.19 -12.40
C TYR B 115 -1.54 6.07 -12.04
N TYR B 116 -0.66 6.64 -12.86
CA TYR B 116 0.64 7.07 -12.40
C TYR B 116 0.41 8.18 -11.39
N THR B 117 1.24 8.25 -10.34
CA THR B 117 1.17 9.37 -9.41
C THR B 117 2.02 10.52 -9.96
N ARG B 118 2.07 11.62 -9.23
CA ARG B 118 2.75 12.83 -9.71
C ARG B 118 3.59 13.50 -8.63
N ALA B 119 4.85 13.77 -8.95
CA ALA B 119 5.75 14.48 -8.05
C ALA B 119 5.36 15.94 -7.95
N LEU B 120 4.81 16.48 -9.04
CA LEU B 120 4.24 17.81 -9.05
C LEU B 120 2.82 17.78 -9.64
N PRO B 121 1.88 18.49 -8.99
CA PRO B 121 0.50 18.48 -9.47
C PRO B 121 0.38 19.02 -10.90
N PRO B 122 -0.67 18.60 -11.64
CA PRO B 122 -0.90 19.13 -12.98
C PRO B 122 -1.14 20.63 -12.96
N VAL B 123 -0.79 21.29 -14.05
CA VAL B 123 -1.12 22.71 -14.21
C VAL B 123 -2.64 22.80 -14.28
N PRO B 124 -3.25 23.69 -13.45
CA PRO B 124 -4.71 23.87 -13.47
C PRO B 124 -5.26 24.04 -14.89
N ASP B 125 -6.49 23.61 -15.11
CA ASP B 125 -7.07 23.55 -16.45
C ASP B 125 -7.10 24.90 -17.15
N ASP B 126 -7.71 25.91 -16.53
CA ASP B 126 -7.86 27.22 -17.16
C ASP B 126 -6.82 28.22 -16.65
N CYS B 127 -5.63 28.18 -17.26
CA CYS B 127 -4.55 29.10 -16.91
C CYS B 127 -4.23 29.99 -18.11
N PRO B 128 -3.52 31.11 -17.86
CA PRO B 128 -3.06 31.99 -18.95
C PRO B 128 -2.20 31.25 -19.98
N THR B 129 -1.23 30.47 -19.51
CA THR B 129 -0.35 29.71 -20.39
C THR B 129 -0.39 28.23 -20.02
N PRO B 130 0.00 27.35 -20.96
CA PRO B 130 -0.04 25.90 -20.71
C PRO B 130 0.73 25.47 -19.47
N LEU B 131 1.77 26.21 -19.11
CA LEU B 131 2.61 25.88 -17.97
C LEU B 131 2.21 26.66 -16.73
N GLY B 132 1.24 27.56 -16.88
CA GLY B 132 0.73 28.36 -15.77
C GLY B 132 0.67 29.83 -16.13
N VAL B 133 1.75 30.54 -15.92
CA VAL B 133 1.80 31.91 -16.35
C VAL B 133 2.96 32.18 -17.29
N LYS B 134 4.10 31.56 -17.03
CA LYS B 134 5.28 31.76 -17.87
C LYS B 134 5.11 31.16 -19.27
N GLY B 135 5.86 31.68 -20.22
CA GLY B 135 5.87 31.17 -21.57
C GLY B 135 4.84 31.81 -22.48
N LYS B 136 4.79 31.36 -23.72
CA LYS B 136 3.84 31.87 -24.70
C LYS B 136 2.51 31.14 -24.55
N LYS B 137 1.45 31.67 -25.15
CA LYS B 137 0.12 31.09 -25.01
C LYS B 137 0.05 29.70 -25.62
N GLN B 138 0.96 29.42 -26.53
CA GLN B 138 1.03 28.12 -27.19
C GLN B 138 2.45 27.57 -27.17
N LEU B 139 2.59 26.34 -26.71
CA LEU B 139 3.89 25.70 -26.65
C LEU B 139 4.42 25.43 -28.05
N PRO B 140 5.76 25.38 -28.21
CA PRO B 140 6.34 25.16 -29.54
C PRO B 140 5.88 23.84 -30.16
N ASP B 141 5.93 23.76 -31.48
CA ASP B 141 5.61 22.52 -32.19
C ASP B 141 6.53 21.40 -31.72
N SER B 142 5.95 20.29 -31.27
CA SER B 142 6.74 19.21 -30.68
C SER B 142 7.70 18.60 -31.71
N ASN B 143 7.27 18.54 -32.96
CA ASN B 143 8.14 18.00 -34.00
C ASN B 143 9.33 18.91 -34.25
N GLU B 144 9.10 20.22 -34.16
CA GLU B 144 10.18 21.19 -34.33
C GLU B 144 11.22 21.04 -33.22
N ILE B 145 10.75 20.75 -32.01
CA ILE B 145 11.65 20.54 -30.88
C ILE B 145 12.54 19.33 -31.09
N VAL B 146 11.93 18.21 -31.49
CA VAL B 146 12.68 16.99 -31.75
C VAL B 146 13.73 17.22 -32.85
N GLU B 147 13.32 17.79 -33.97
CA GLU B 147 14.21 17.94 -35.12
C GLU B 147 15.39 18.86 -34.82
N LYS B 148 15.12 19.99 -34.17
CA LYS B 148 16.16 20.99 -33.92
C LYS B 148 17.10 20.61 -32.80
N LEU B 149 16.58 19.93 -31.77
CA LEU B 149 17.33 19.75 -30.53
C LEU B 149 17.70 18.30 -30.20
N LEU B 150 16.89 17.36 -30.65
CA LEU B 150 16.99 15.97 -30.17
C LEU B 150 17.49 14.98 -31.21
N LEU B 151 17.13 15.16 -32.47
CA LEU B 151 17.50 14.17 -33.49
C LEU B 151 19.00 14.09 -33.68
N ARG B 152 19.46 12.86 -33.90
CA ARG B 152 20.87 12.55 -34.04
C ARG B 152 21.37 12.82 -35.45
N ARG B 153 22.31 13.75 -35.57
CA ARG B 153 22.97 13.99 -36.85
C ARG B 153 24.03 12.91 -37.05
N LYS B 154 24.88 12.78 -36.04
CA LYS B 154 25.94 11.78 -36.03
C LYS B 154 25.99 11.15 -34.63
N PHE B 155 26.29 9.86 -34.58
CA PHE B 155 26.26 9.10 -33.34
C PHE B 155 27.23 9.66 -32.29
N ILE B 156 26.71 9.98 -31.11
CA ILE B 156 27.53 10.41 -29.98
C ILE B 156 27.56 9.30 -28.93
N PRO B 157 28.72 8.63 -28.77
CA PRO B 157 28.81 7.52 -27.81
C PRO B 157 28.85 8.00 -26.35
N ASP B 158 28.32 7.18 -25.45
CA ASP B 158 28.39 7.46 -24.02
C ASP B 158 29.85 7.50 -23.54
N PRO B 159 30.27 8.60 -22.92
CA PRO B 159 31.65 8.65 -22.38
C PRO B 159 31.87 7.68 -21.23
N GLN B 160 30.81 7.29 -20.53
CA GLN B 160 30.94 6.37 -19.40
C GLN B 160 31.10 4.92 -19.86
N GLY B 161 30.92 4.70 -21.16
CA GLY B 161 31.15 3.39 -21.74
C GLY B 161 30.00 2.42 -21.63
N SER B 162 28.80 2.92 -21.36
CA SER B 162 27.61 2.07 -21.28
C SER B 162 27.46 1.26 -22.57
N ASN B 163 27.12 -0.01 -22.42
CA ASN B 163 27.00 -0.91 -23.57
C ASN B 163 25.55 -1.33 -23.78
N MET B 164 25.33 -2.21 -24.76
CA MET B 164 24.00 -2.68 -25.05
C MET B 164 23.45 -3.62 -23.97
N MET B 165 24.34 -4.25 -23.21
CA MET B 165 23.93 -5.03 -22.05
C MET B 165 23.20 -4.12 -21.07
N PHE B 166 23.73 -2.91 -20.89
CA PHE B 166 23.15 -1.94 -19.97
C PHE B 166 21.85 -1.37 -20.55
N ALA B 167 21.86 -1.04 -21.83
CA ALA B 167 20.71 -0.44 -22.49
C ALA B 167 19.50 -1.36 -22.42
N PHE B 168 19.68 -2.61 -22.78
CA PHE B 168 18.58 -3.55 -22.82
C PHE B 168 18.14 -3.96 -21.40
N PHE B 169 19.07 -3.91 -20.45
CA PHE B 169 18.70 -4.16 -19.06
C PHE B 169 17.82 -3.03 -18.55
N ALA B 170 18.21 -1.79 -18.82
CA ALA B 170 17.40 -0.63 -18.45
C ALA B 170 16.00 -0.73 -19.04
N GLN B 171 15.91 -1.14 -20.29
CA GLN B 171 14.62 -1.29 -20.95
C GLN B 171 13.81 -2.44 -20.34
N HIS B 172 14.43 -3.60 -20.21
CA HIS B 172 13.76 -4.78 -19.68
C HIS B 172 13.31 -4.59 -18.23
N PHE B 173 14.22 -4.09 -17.39
CA PHE B 173 13.94 -3.88 -15.98
C PHE B 173 12.82 -2.85 -15.75
N THR B 174 12.95 -1.68 -16.36
CA THR B 174 12.01 -0.59 -16.10
C THR B 174 10.62 -0.82 -16.70
N HIS B 175 10.53 -1.71 -17.69
CA HIS B 175 9.25 -1.95 -18.35
C HIS B 175 8.32 -2.85 -17.53
N GLN B 176 8.74 -3.22 -16.33
CA GLN B 176 7.85 -3.95 -15.44
C GLN B 176 6.99 -2.97 -14.65
N PHE B 177 7.45 -1.73 -14.52
CA PHE B 177 6.66 -0.72 -13.81
C PHE B 177 6.37 0.52 -14.66
N PHE B 178 6.99 0.61 -15.83
CA PHE B 178 6.55 1.56 -16.85
C PHE B 178 5.74 0.82 -17.90
N LYS B 179 4.43 0.73 -17.68
CA LYS B 179 3.54 0.00 -18.58
C LYS B 179 2.32 0.85 -18.90
N THR B 180 2.57 1.93 -19.62
CA THR B 180 1.56 2.92 -19.94
C THR B 180 0.41 2.28 -20.71
N ASP B 181 -0.81 2.47 -20.21
CA ASP B 181 -2.02 1.94 -20.84
C ASP B 181 -2.59 2.96 -21.80
N HIS B 182 -2.05 3.01 -23.02
CA HIS B 182 -2.43 4.04 -23.99
C HIS B 182 -3.87 3.90 -24.44
N LYS B 183 -4.48 2.75 -24.18
CA LYS B 183 -5.91 2.56 -24.41
C LYS B 183 -6.72 3.61 -23.65
N ARG B 184 -6.33 3.85 -22.39
CA ARG B 184 -7.01 4.81 -21.54
C ARG B 184 -6.37 6.18 -21.63
N GLY B 185 -5.05 6.20 -21.77
CA GLY B 185 -4.32 7.45 -21.88
C GLY B 185 -2.98 7.38 -21.19
N PRO B 186 -2.11 8.37 -21.44
CA PRO B 186 -0.75 8.40 -20.89
C PRO B 186 -0.71 8.49 -19.36
N ALA B 187 -1.80 8.95 -18.76
CA ALA B 187 -1.85 9.11 -17.31
C ALA B 187 -1.99 7.78 -16.59
N PHE B 188 -2.27 6.71 -17.34
CA PHE B 188 -2.65 5.43 -16.74
C PHE B 188 -1.63 4.32 -16.98
N THR B 189 -1.61 3.37 -16.06
CA THR B 189 -0.67 2.25 -16.11
C THR B 189 -1.35 0.90 -15.96
N ASN B 190 -0.73 -0.14 -16.51
CA ASN B 190 -1.21 -1.52 -16.37
C ASN B 190 -0.49 -2.28 -15.27
N GLY B 191 0.53 -1.65 -14.67
CA GLY B 191 1.31 -2.27 -13.61
C GLY B 191 0.83 -1.85 -12.23
N LEU B 192 -0.19 -2.53 -11.74
CA LEU B 192 -0.85 -2.13 -10.49
C LEU B 192 -0.01 -2.52 -9.28
N GLY B 193 1.04 -3.30 -9.51
CA GLY B 193 2.00 -3.62 -8.46
C GLY B 193 2.89 -2.43 -8.17
N HIS B 194 2.98 -1.51 -9.14
CA HIS B 194 3.70 -0.25 -8.97
C HIS B 194 5.12 -0.43 -8.43
N GLY B 195 5.84 -1.42 -8.95
CA GLY B 195 7.21 -1.62 -8.53
C GLY B 195 7.86 -2.86 -9.09
N VAL B 196 8.85 -3.38 -8.37
CA VAL B 196 9.61 -4.54 -8.82
C VAL B 196 8.94 -5.82 -8.34
N ASP B 197 7.92 -6.26 -9.08
CA ASP B 197 7.22 -7.51 -8.76
C ASP B 197 7.51 -8.60 -9.78
N LEU B 198 8.36 -8.28 -10.75
CA LEU B 198 8.72 -9.20 -11.84
C LEU B 198 7.50 -9.70 -12.60
N ASN B 199 6.49 -8.84 -12.75
CA ASN B 199 5.32 -9.18 -13.56
C ASN B 199 5.70 -9.36 -15.02
N HIS B 200 6.81 -8.74 -15.44
CA HIS B 200 7.28 -8.87 -16.80
C HIS B 200 7.89 -10.26 -17.07
N ILE B 201 8.05 -11.06 -16.00
CA ILE B 201 8.50 -12.44 -16.12
C ILE B 201 7.33 -13.40 -15.89
N TYR B 202 6.51 -13.07 -14.88
CA TYR B 202 5.46 -13.98 -14.42
C TYR B 202 4.05 -13.59 -14.86
N GLY B 203 3.88 -12.36 -15.34
CA GLY B 203 2.58 -11.87 -15.77
C GLY B 203 1.93 -11.01 -14.70
N GLU B 204 1.09 -10.05 -15.12
CA GLU B 204 0.39 -9.15 -14.21
C GLU B 204 -0.68 -9.87 -13.40
N THR B 205 -1.44 -10.72 -14.09
CA THR B 205 -2.59 -11.38 -13.49
C THR B 205 -2.29 -12.84 -13.20
N LEU B 206 -3.05 -13.41 -12.26
CA LEU B 206 -2.93 -14.82 -11.93
C LEU B 206 -3.22 -15.68 -13.15
N ALA B 207 -4.17 -15.24 -13.98
CA ALA B 207 -4.57 -16.00 -15.15
C ALA B 207 -3.41 -16.21 -16.12
N ARG B 208 -2.65 -15.15 -16.36
CA ARG B 208 -1.52 -15.23 -17.29
C ARG B 208 -0.38 -16.01 -16.67
N GLN B 209 -0.22 -15.90 -15.36
CA GLN B 209 0.80 -16.65 -14.64
C GLN B 209 0.57 -18.15 -14.79
N ARG B 210 -0.68 -18.57 -14.66
CA ARG B 210 -1.03 -19.98 -14.77
C ARG B 210 -0.78 -20.51 -16.17
N LYS B 211 -0.83 -19.64 -17.16
CA LYS B 211 -0.54 -20.00 -18.54
C LYS B 211 0.95 -20.22 -18.78
N LEU B 212 1.78 -19.51 -18.02
CA LEU B 212 3.23 -19.57 -18.22
C LEU B 212 3.91 -20.61 -17.32
N ARG B 213 3.23 -21.02 -16.25
CA ARG B 213 3.79 -21.97 -15.30
C ARG B 213 3.67 -23.41 -15.78
N LEU B 214 4.60 -24.25 -15.33
CA LEU B 214 4.59 -25.66 -15.70
C LEU B 214 3.80 -26.50 -14.70
N PHE B 215 3.72 -25.99 -13.47
CA PHE B 215 3.04 -26.66 -12.36
C PHE B 215 3.70 -28.00 -12.02
N LYS B 216 4.99 -28.09 -12.30
CA LYS B 216 5.84 -29.14 -11.77
C LYS B 216 7.13 -28.49 -11.27
N ASP B 217 7.51 -28.85 -10.03
CA ASP B 217 8.77 -28.39 -9.44
C ASP B 217 8.87 -26.87 -9.34
N GLY B 218 7.72 -26.20 -9.37
CA GLY B 218 7.68 -24.76 -9.25
C GLY B 218 8.14 -24.01 -10.48
N LYS B 219 8.36 -24.73 -11.58
CA LYS B 219 9.00 -24.16 -12.77
C LYS B 219 8.06 -23.45 -13.72
N MET B 220 8.66 -22.64 -14.60
CA MET B 220 7.96 -21.97 -15.67
C MET B 220 8.14 -22.78 -16.95
N LYS B 221 7.10 -22.82 -17.79
CA LYS B 221 7.19 -23.54 -19.06
C LYS B 221 8.36 -23.06 -19.90
N TYR B 222 8.87 -23.94 -20.74
CA TYR B 222 9.99 -23.62 -21.62
C TYR B 222 10.06 -24.63 -22.77
N GLN B 223 11.00 -24.40 -23.68
CA GLN B 223 11.31 -25.35 -24.73
C GLN B 223 12.81 -25.40 -24.92
N ILE B 224 13.32 -26.55 -25.37
CA ILE B 224 14.74 -26.71 -25.64
C ILE B 224 14.99 -26.58 -27.14
N ILE B 225 15.93 -25.71 -27.50
CA ILE B 225 16.33 -25.51 -28.89
C ILE B 225 17.86 -25.50 -28.95
N ASP B 226 18.42 -26.50 -29.63
CA ASP B 226 19.87 -26.67 -29.72
C ASP B 226 20.50 -26.82 -28.34
N GLY B 227 19.84 -27.60 -27.48
CA GLY B 227 20.33 -27.86 -26.14
C GLY B 227 20.07 -26.75 -25.14
N GLU B 228 19.59 -25.61 -25.63
CA GLU B 228 19.42 -24.41 -24.80
C GLU B 228 17.95 -24.15 -24.48
N MET B 229 17.70 -23.69 -23.25
CA MET B 229 16.35 -23.41 -22.78
C MET B 229 15.86 -22.05 -23.26
N TYR B 230 14.70 -22.04 -23.91
CA TYR B 230 14.07 -20.81 -24.39
C TYR B 230 12.63 -20.72 -23.90
N PRO B 231 12.03 -19.53 -23.98
CA PRO B 231 10.63 -19.37 -23.58
C PRO B 231 9.68 -20.25 -24.42
N PRO B 232 8.52 -20.62 -23.85
CA PRO B 232 7.54 -21.43 -24.57
C PRO B 232 6.85 -20.61 -25.66
N THR B 233 6.01 -21.26 -26.46
CA THR B 233 5.30 -20.58 -27.53
C THR B 233 3.96 -20.04 -27.05
N VAL B 234 3.37 -19.15 -27.84
CA VAL B 234 2.01 -18.66 -27.60
C VAL B 234 1.01 -19.81 -27.76
N LYS B 235 1.28 -20.69 -28.71
CA LYS B 235 0.39 -21.80 -29.01
C LYS B 235 0.30 -22.77 -27.84
N ASP B 236 1.41 -22.93 -27.13
CA ASP B 236 1.48 -23.88 -26.02
C ASP B 236 0.88 -23.30 -24.74
N THR B 237 1.12 -22.03 -24.49
CA THR B 237 0.69 -21.39 -23.25
C THR B 237 -0.66 -20.71 -23.37
N GLN B 238 -1.02 -20.36 -24.61
CA GLN B 238 -2.21 -19.56 -24.90
C GLN B 238 -2.12 -18.19 -24.24
N ALA B 239 -0.87 -17.74 -24.03
CA ALA B 239 -0.62 -16.41 -23.49
C ALA B 239 -0.44 -15.40 -24.62
N GLU B 240 -1.27 -14.35 -24.60
CA GLU B 240 -1.24 -13.34 -25.65
C GLU B 240 0.12 -12.63 -25.69
N MET B 241 0.62 -12.44 -26.90
CA MET B 241 1.79 -11.62 -27.13
C MET B 241 1.50 -10.69 -28.29
N ILE B 242 2.30 -9.63 -28.43
CA ILE B 242 2.15 -8.71 -29.55
C ILE B 242 3.17 -9.07 -30.62
N TYR B 243 2.68 -9.66 -31.71
CA TYR B 243 3.52 -10.03 -32.84
C TYR B 243 2.85 -9.67 -34.15
N PRO B 244 3.61 -9.14 -35.12
CA PRO B 244 3.05 -8.97 -36.47
C PRO B 244 2.63 -10.32 -37.05
N PRO B 245 1.62 -10.34 -37.93
CA PRO B 245 1.13 -11.61 -38.47
C PRO B 245 2.19 -12.42 -39.23
N GLN B 246 3.25 -11.77 -39.70
CA GLN B 246 4.24 -12.47 -40.52
C GLN B 246 5.25 -13.27 -39.69
N VAL B 247 5.22 -13.09 -38.36
CA VAL B 247 6.03 -13.90 -37.47
C VAL B 247 5.44 -15.32 -37.36
N PRO B 248 6.21 -16.36 -37.72
CA PRO B 248 5.67 -17.72 -37.66
C PRO B 248 5.41 -18.18 -36.23
N GLU B 249 4.46 -19.10 -36.07
CA GLU B 249 4.00 -19.52 -34.74
C GLU B 249 5.11 -20.02 -33.82
N HIS B 250 6.09 -20.72 -34.39
CA HIS B 250 7.14 -21.32 -33.57
C HIS B 250 8.13 -20.28 -33.04
N LEU B 251 8.10 -19.07 -33.62
CA LEU B 251 8.98 -17.99 -33.16
C LEU B 251 8.26 -16.99 -32.27
N ARG B 252 6.98 -17.24 -32.00
CA ARG B 252 6.20 -16.39 -31.10
C ARG B 252 6.43 -16.81 -29.65
N PHE B 253 7.53 -16.32 -29.06
CA PHE B 253 7.84 -16.62 -27.67
C PHE B 253 6.89 -15.92 -26.73
N ALA B 254 6.41 -16.65 -25.73
CA ALA B 254 5.50 -16.11 -24.72
C ALA B 254 6.24 -15.86 -23.41
N VAL B 255 6.27 -14.59 -22.99
CA VAL B 255 6.87 -14.23 -21.71
C VAL B 255 5.89 -13.36 -20.94
N GLY B 256 6.26 -13.01 -19.71
CA GLY B 256 5.37 -12.27 -18.83
C GLY B 256 4.84 -10.98 -19.41
N GLN B 257 5.72 -10.19 -20.00
CA GLN B 257 5.36 -8.92 -20.61
C GLN B 257 5.01 -9.11 -22.09
N GLU B 258 3.84 -8.60 -22.47
CA GLU B 258 3.27 -8.81 -23.79
C GLU B 258 4.09 -8.23 -24.94
N VAL B 259 4.94 -7.24 -24.64
CA VAL B 259 5.67 -6.52 -25.69
C VAL B 259 7.13 -6.92 -25.85
N PHE B 260 7.60 -7.86 -25.05
CA PHE B 260 9.03 -8.18 -25.05
C PHE B 260 9.47 -8.91 -26.29
N GLY B 261 8.50 -9.37 -27.09
CA GLY B 261 8.81 -9.95 -28.38
C GLY B 261 9.20 -8.90 -29.41
N LEU B 262 9.07 -7.62 -29.04
CA LEU B 262 9.37 -6.50 -29.93
C LEU B 262 10.82 -6.45 -30.39
N VAL B 263 11.74 -6.79 -29.49
CA VAL B 263 13.16 -6.67 -29.79
C VAL B 263 13.95 -7.82 -29.14
N PRO B 264 14.85 -8.47 -29.91
CA PRO B 264 15.64 -9.60 -29.41
C PRO B 264 16.41 -9.31 -28.12
N GLY B 265 16.83 -8.05 -27.97
CA GLY B 265 17.53 -7.63 -26.77
C GLY B 265 16.71 -7.85 -25.51
N LEU B 266 15.41 -7.54 -25.59
CA LEU B 266 14.51 -7.78 -24.47
C LEU B 266 14.27 -9.27 -24.29
N MET B 267 14.11 -9.96 -25.41
CA MET B 267 13.82 -11.39 -25.37
C MET B 267 15.03 -12.16 -24.86
N MET B 268 16.21 -11.56 -25.01
CA MET B 268 17.43 -12.13 -24.45
C MET B 268 17.36 -12.12 -22.92
N TYR B 269 17.04 -10.96 -22.34
CA TYR B 269 16.96 -10.85 -20.90
C TYR B 269 15.79 -11.66 -20.34
N ALA B 270 14.72 -11.78 -21.11
CA ALA B 270 13.57 -12.57 -20.70
C ALA B 270 13.94 -14.05 -20.61
N THR B 271 14.78 -14.50 -21.54
CA THR B 271 15.24 -15.88 -21.55
C THR B 271 16.18 -16.16 -20.38
N ILE B 272 17.09 -15.24 -20.11
CA ILE B 272 18.03 -15.39 -19.00
C ILE B 272 17.32 -15.48 -17.65
N TRP B 273 16.37 -14.59 -17.40
CA TRP B 273 15.62 -14.60 -16.15
C TRP B 273 14.72 -15.83 -16.04
N LEU B 274 14.23 -16.30 -17.18
CA LEU B 274 13.48 -17.55 -17.22
C LEU B 274 14.35 -18.71 -16.79
N ARG B 275 15.58 -18.76 -17.31
CA ARG B 275 16.52 -19.80 -16.94
C ARG B 275 16.87 -19.71 -15.47
N GLU B 276 17.06 -18.49 -14.98
CA GLU B 276 17.39 -18.28 -13.57
C GLU B 276 16.27 -18.80 -12.67
N HIS B 277 15.02 -18.52 -13.03
CA HIS B 277 13.89 -18.97 -12.24
C HIS B 277 13.90 -20.50 -12.11
N ASN B 278 14.07 -21.17 -13.23
CA ASN B 278 14.06 -22.64 -13.23
C ASN B 278 15.31 -23.20 -12.55
N ARG B 279 16.40 -22.43 -12.58
CA ARG B 279 17.61 -22.82 -11.88
C ARG B 279 17.38 -22.78 -10.37
N VAL B 280 16.80 -21.69 -9.88
CA VAL B 280 16.55 -21.54 -8.45
C VAL B 280 15.58 -22.63 -7.99
N CYS B 281 14.65 -23.02 -8.84
CA CYS B 281 13.74 -24.12 -8.53
C CYS B 281 14.52 -25.40 -8.25
N ASP B 282 15.54 -25.67 -9.07
CA ASP B 282 16.37 -26.86 -8.88
C ASP B 282 17.13 -26.79 -7.57
N VAL B 283 17.63 -25.60 -7.23
CA VAL B 283 18.34 -25.40 -5.97
C VAL B 283 17.44 -25.62 -4.77
N LEU B 284 16.22 -25.07 -4.82
CA LEU B 284 15.30 -25.17 -3.71
C LEU B 284 14.79 -26.58 -3.52
N LYS B 285 14.63 -27.31 -4.62
CA LYS B 285 14.16 -28.68 -4.54
C LYS B 285 15.18 -29.57 -3.85
N GLN B 286 16.46 -29.30 -4.06
CA GLN B 286 17.52 -30.04 -3.39
C GLN B 286 17.50 -29.79 -1.90
N GLU B 287 17.21 -28.56 -1.52
CA GLU B 287 17.12 -28.17 -0.12
C GLU B 287 15.81 -28.67 0.49
N HIS B 288 14.74 -28.64 -0.30
CA HIS B 288 13.41 -28.98 0.18
C HIS B 288 12.75 -30.01 -0.71
N PRO B 289 13.17 -31.27 -0.60
CA PRO B 289 12.51 -32.34 -1.36
C PRO B 289 11.08 -32.57 -0.88
N GLU B 290 10.70 -31.93 0.22
CA GLU B 290 9.37 -32.11 0.79
C GLU B 290 8.39 -31.05 0.29
N TRP B 291 8.89 -30.06 -0.43
CA TRP B 291 8.05 -28.96 -0.91
C TRP B 291 7.28 -29.32 -2.17
N GLY B 292 6.15 -28.64 -2.37
CA GLY B 292 5.32 -28.84 -3.54
C GLY B 292 5.59 -27.77 -4.58
N ASP B 293 4.91 -27.87 -5.71
CA ASP B 293 5.12 -26.97 -6.84
C ASP B 293 4.84 -25.52 -6.48
N GLU B 294 3.73 -25.28 -5.78
CA GLU B 294 3.33 -23.92 -5.48
C GLU B 294 4.38 -23.19 -4.65
N GLN B 295 4.84 -23.82 -3.57
CA GLN B 295 5.82 -23.19 -2.69
C GLN B 295 7.16 -23.01 -3.39
N LEU B 296 7.53 -23.94 -4.26
CA LEU B 296 8.78 -23.83 -5.00
C LEU B 296 8.70 -22.64 -5.96
N PHE B 297 7.56 -22.46 -6.60
CA PHE B 297 7.38 -21.33 -7.49
C PHE B 297 7.43 -20.01 -6.75
N GLN B 298 6.64 -19.89 -5.68
CA GLN B 298 6.51 -18.63 -4.97
C GLN B 298 7.85 -18.22 -4.35
N THR B 299 8.56 -19.18 -3.77
CA THR B 299 9.84 -18.88 -3.14
C THR B 299 10.88 -18.44 -4.17
N SER B 300 10.90 -19.11 -5.32
CA SER B 300 11.80 -18.72 -6.40
C SER B 300 11.52 -17.29 -6.83
N ARG B 301 10.24 -16.93 -6.93
CA ARG B 301 9.86 -15.58 -7.33
C ARG B 301 10.42 -14.54 -6.36
N LEU B 302 10.23 -14.78 -5.07
CA LEU B 302 10.76 -13.86 -4.07
C LEU B 302 12.28 -13.75 -4.17
N ILE B 303 12.96 -14.86 -4.44
CA ILE B 303 14.40 -14.84 -4.58
C ILE B 303 14.81 -14.03 -5.81
N LEU B 304 14.14 -14.21 -6.94
CA LEU B 304 14.49 -13.46 -8.15
C LEU B 304 14.22 -11.96 -7.98
N ILE B 305 13.24 -11.62 -7.15
CA ILE B 305 12.99 -10.22 -6.83
C ILE B 305 14.19 -9.65 -6.09
N GLY B 306 14.71 -10.41 -5.14
CA GLY B 306 15.89 -10.02 -4.40
C GLY B 306 17.11 -9.86 -5.30
N GLU B 307 17.33 -10.82 -6.20
CA GLU B 307 18.44 -10.74 -7.15
C GLU B 307 18.35 -9.46 -7.99
N THR B 308 17.15 -9.13 -8.43
CA THR B 308 16.93 -7.97 -9.28
C THR B 308 17.35 -6.70 -8.55
N ILE B 309 16.82 -6.52 -7.34
CA ILE B 309 17.14 -5.34 -6.56
C ILE B 309 18.64 -5.28 -6.26
N LYS B 310 19.21 -6.44 -5.91
CA LYS B 310 20.64 -6.56 -5.68
C LYS B 310 21.44 -6.12 -6.90
N ILE B 311 21.10 -6.67 -8.06
CA ILE B 311 21.82 -6.37 -9.29
C ILE B 311 21.64 -4.91 -9.68
N VAL B 312 20.43 -4.40 -9.55
CA VAL B 312 20.16 -3.02 -9.91
C VAL B 312 21.02 -2.04 -9.09
N ILE B 313 21.14 -2.27 -7.79
CA ILE B 313 21.90 -1.34 -6.94
C ILE B 313 23.40 -1.45 -7.13
N GLU B 314 23.95 -2.66 -7.07
CA GLU B 314 25.40 -2.84 -7.01
C GLU B 314 26.08 -3.05 -8.37
N ASP B 315 25.29 -3.17 -9.44
CA ASP B 315 25.85 -3.26 -10.80
C ASP B 315 25.32 -2.13 -11.67
N TYR B 316 24.00 -2.01 -11.73
CA TYR B 316 23.34 -1.07 -12.64
C TYR B 316 23.52 0.39 -12.18
N VAL B 317 23.02 0.72 -10.99
CA VAL B 317 23.18 2.07 -10.46
C VAL B 317 24.66 2.38 -10.22
N GLN B 318 25.43 1.36 -9.84
CA GLN B 318 26.85 1.53 -9.58
C GLN B 318 27.58 2.04 -10.81
N HIS B 319 27.29 1.45 -11.96
CA HIS B 319 27.89 1.87 -13.22
C HIS B 319 27.38 3.24 -13.61
N LEU B 320 26.08 3.44 -13.45
CA LEU B 320 25.41 4.64 -13.91
C LEU B 320 25.88 5.88 -13.16
N SER B 321 26.10 5.73 -11.86
CA SER B 321 26.50 6.84 -11.01
C SER B 321 27.93 7.31 -11.31
N GLY B 322 28.80 6.36 -11.62
CA GLY B 322 30.21 6.66 -11.81
C GLY B 322 30.92 6.85 -10.48
N TYR B 323 30.27 6.44 -9.40
CA TYR B 323 30.84 6.56 -8.06
C TYR B 323 32.01 5.61 -7.85
N HIS B 324 32.97 6.04 -7.03
CA HIS B 324 34.06 5.17 -6.59
C HIS B 324 33.66 4.46 -5.31
N PHE B 325 32.73 5.08 -4.57
CA PHE B 325 32.11 4.43 -3.42
C PHE B 325 31.30 3.23 -3.89
N LYS B 326 31.44 2.12 -3.18
CA LYS B 326 30.73 0.90 -3.56
C LYS B 326 29.35 0.86 -2.92
N LEU B 327 28.33 1.08 -3.73
CA LEU B 327 26.95 1.01 -3.28
C LEU B 327 26.65 -0.38 -2.74
N LYS B 328 25.72 -0.46 -1.79
CA LYS B 328 25.41 -1.72 -1.12
C LYS B 328 23.91 -1.92 -0.99
N PHE B 329 23.43 -3.10 -1.34
CA PHE B 329 22.03 -3.47 -1.09
C PHE B 329 21.94 -4.16 0.26
N ASP B 330 21.34 -3.47 1.23
CA ASP B 330 21.22 -4.00 2.58
C ASP B 330 20.02 -3.38 3.30
N PRO B 331 18.86 -4.05 3.27
CA PRO B 331 17.65 -3.58 3.93
C PRO B 331 17.83 -3.22 5.41
N GLU B 332 18.82 -3.83 6.07
CA GLU B 332 19.03 -3.58 7.49
C GLU B 332 19.49 -2.16 7.76
N LEU B 333 20.02 -1.50 6.74
CA LEU B 333 20.44 -0.10 6.87
C LEU B 333 19.29 0.81 7.25
N LEU B 334 18.07 0.37 6.97
CA LEU B 334 16.89 1.20 7.17
C LEU B 334 16.09 0.82 8.41
N PHE B 335 16.40 -0.33 9.00
CA PHE B 335 15.58 -0.86 10.10
C PHE B 335 15.53 0.08 11.31
N ASN B 336 16.45 1.03 11.39
CA ASN B 336 16.45 2.01 12.46
C ASN B 336 16.11 3.42 11.96
N LYS B 337 15.52 3.49 10.78
CA LYS B 337 15.16 4.77 10.17
C LYS B 337 13.65 4.86 9.97
N GLN B 338 13.18 6.08 9.68
CA GLN B 338 11.80 6.29 9.26
C GLN B 338 11.71 6.08 7.75
N PHE B 339 10.94 5.09 7.34
CA PHE B 339 10.84 4.72 5.93
C PHE B 339 9.54 3.96 5.67
N GLN B 340 8.85 4.31 4.59
CA GLN B 340 7.62 3.66 4.21
C GLN B 340 7.86 2.56 3.17
N TYR B 341 7.55 1.32 3.53
CA TYR B 341 7.71 0.20 2.62
C TYR B 341 6.51 0.10 1.67
N GLN B 342 6.39 1.12 0.82
CA GLN B 342 5.37 1.16 -0.21
C GLN B 342 5.83 2.14 -1.27
N ASN B 343 5.29 2.04 -2.47
CA ASN B 343 5.64 2.96 -3.54
C ASN B 343 4.56 3.03 -4.61
N ARG B 344 4.51 4.18 -5.27
CA ARG B 344 3.59 4.43 -6.37
C ARG B 344 4.40 5.07 -7.49
N ILE B 345 4.37 4.46 -8.67
CA ILE B 345 5.21 4.88 -9.79
C ILE B 345 4.77 6.25 -10.31
N ALA B 346 5.70 7.20 -10.33
CA ALA B 346 5.42 8.56 -10.79
C ALA B 346 5.50 8.67 -12.31
N ALA B 347 4.59 9.45 -12.89
CA ALA B 347 4.59 9.67 -14.33
C ALA B 347 5.88 10.35 -14.78
N GLU B 348 6.41 11.21 -13.93
CA GLU B 348 7.63 11.94 -14.26
C GLU B 348 8.84 11.02 -14.28
N PHE B 349 8.81 9.99 -13.43
CA PHE B 349 9.85 8.98 -13.45
C PHE B 349 9.86 8.29 -14.80
N ASN B 350 8.65 7.95 -15.27
CA ASN B 350 8.48 7.32 -16.57
C ASN B 350 9.07 8.22 -17.65
N THR B 351 8.68 9.49 -17.63
CA THR B 351 9.09 10.44 -18.66
C THR B 351 10.61 10.62 -18.75
N LEU B 352 11.26 10.76 -17.61
CA LEU B 352 12.70 11.00 -17.60
C LEU B 352 13.48 9.74 -17.98
N TYR B 353 12.83 8.60 -18.02
CA TYR B 353 13.46 7.36 -18.37
C TYR B 353 13.24 7.05 -19.83
N HIS B 354 12.88 8.03 -20.61
CA HIS B 354 12.84 7.88 -22.06
C HIS B 354 14.23 8.12 -22.64
N TRP B 355 15.12 7.15 -22.42
CA TRP B 355 16.53 7.27 -22.79
C TRP B 355 16.79 6.78 -24.21
N HIS B 356 16.03 7.32 -25.16
CA HIS B 356 16.14 6.93 -26.56
C HIS B 356 17.54 7.13 -27.14
N PRO B 357 18.28 8.16 -26.68
CA PRO B 357 19.64 8.33 -27.19
C PRO B 357 20.57 7.14 -26.93
N LEU B 358 20.24 6.26 -26.00
CA LEU B 358 21.06 5.07 -25.74
C LEU B 358 21.18 4.20 -26.98
N LEU B 359 20.14 4.19 -27.80
CA LEU B 359 20.06 3.28 -28.94
C LEU B 359 21.15 3.57 -29.98
N PRO B 360 21.74 2.51 -30.55
CA PRO B 360 22.76 2.66 -31.59
C PRO B 360 22.16 2.87 -32.97
N ASP B 361 22.99 3.16 -33.96
CA ASP B 361 22.53 3.29 -35.34
C ASP B 361 22.12 1.92 -35.88
N THR B 362 22.91 0.91 -35.56
CA THR B 362 22.60 -0.47 -35.91
C THR B 362 22.99 -1.37 -34.76
N PHE B 363 22.48 -2.60 -34.78
CA PHE B 363 22.80 -3.58 -33.74
C PHE B 363 23.81 -4.57 -34.27
N GLN B 364 24.91 -4.70 -33.53
CA GLN B 364 26.07 -5.47 -33.98
C GLN B 364 26.20 -6.76 -33.20
N ILE B 365 25.80 -7.87 -33.83
CA ILE B 365 25.90 -9.20 -33.23
C ILE B 365 26.81 -10.08 -34.06
N HIS B 366 27.95 -10.46 -33.48
CA HIS B 366 28.96 -11.26 -34.15
C HIS B 366 29.47 -10.49 -35.37
N ASP B 367 29.37 -11.07 -36.57
CA ASP B 367 29.89 -10.43 -37.77
C ASP B 367 28.86 -9.57 -38.49
N GLN B 368 27.62 -9.55 -38.00
CA GLN B 368 26.52 -8.93 -38.73
C GLN B 368 25.99 -7.65 -38.07
N LYS B 369 25.53 -6.72 -38.93
CA LYS B 369 24.91 -5.48 -38.49
C LYS B 369 23.45 -5.45 -38.92
N TYR B 370 22.56 -5.26 -37.96
CA TYR B 370 21.12 -5.19 -38.24
C TYR B 370 20.59 -3.78 -38.05
N ASN B 371 19.88 -3.27 -39.07
CA ASN B 371 19.13 -2.04 -38.91
C ASN B 371 17.87 -2.32 -38.12
N TYR B 372 17.09 -1.28 -37.84
CA TYR B 372 15.90 -1.43 -37.01
C TYR B 372 14.84 -2.31 -37.67
N GLN B 373 14.61 -2.12 -38.97
CA GLN B 373 13.62 -2.92 -39.68
C GLN B 373 13.99 -4.39 -39.67
N GLN B 374 15.29 -4.68 -39.60
CA GLN B 374 15.78 -6.06 -39.55
C GLN B 374 15.70 -6.63 -38.14
N PHE B 375 15.94 -5.78 -37.15
CA PHE B 375 16.12 -6.21 -35.77
C PHE B 375 14.79 -6.35 -35.03
N ILE B 376 13.80 -5.54 -35.42
CA ILE B 376 12.52 -5.50 -34.72
C ILE B 376 11.67 -6.75 -34.97
N TYR B 377 11.15 -7.31 -33.88
CA TYR B 377 10.27 -8.48 -33.90
C TYR B 377 10.93 -9.71 -34.52
N ASN B 378 12.26 -9.72 -34.56
CA ASN B 378 12.99 -10.79 -35.23
C ASN B 378 13.69 -11.73 -34.25
N ASN B 379 12.95 -12.67 -33.71
CA ASN B 379 13.50 -13.64 -32.77
C ASN B 379 14.36 -14.70 -33.44
N SER B 380 14.31 -14.80 -34.76
CA SER B 380 15.13 -15.76 -35.47
C SER B 380 16.59 -15.35 -35.33
N ILE B 381 16.84 -14.06 -35.15
CA ILE B 381 18.18 -13.56 -34.89
C ILE B 381 18.73 -14.14 -33.58
N LEU B 382 17.85 -14.23 -32.58
CA LEU B 382 18.24 -14.74 -31.27
C LEU B 382 18.64 -16.21 -31.36
N LEU B 383 17.87 -17.00 -32.10
CA LEU B 383 18.15 -18.42 -32.24
C LEU B 383 19.39 -18.67 -33.10
N GLU B 384 19.55 -17.86 -34.14
CA GLU B 384 20.70 -17.96 -35.03
C GLU B 384 22.03 -17.84 -34.29
N HIS B 385 22.12 -16.86 -33.39
CA HIS B 385 23.37 -16.55 -32.70
C HIS B 385 23.46 -17.19 -31.33
N GLY B 386 22.33 -17.28 -30.63
CA GLY B 386 22.30 -17.80 -29.28
C GLY B 386 22.52 -16.70 -28.26
N ILE B 387 22.17 -16.99 -27.01
CA ILE B 387 22.30 -16.01 -25.93
C ILE B 387 23.77 -15.69 -25.68
N THR B 388 24.64 -16.69 -25.78
CA THR B 388 26.06 -16.49 -25.47
C THR B 388 26.66 -15.43 -26.37
N GLN B 389 26.45 -15.60 -27.68
CA GLN B 389 26.95 -14.64 -28.66
C GLN B 389 26.31 -13.27 -28.47
N PHE B 390 25.04 -13.26 -28.06
CA PHE B 390 24.35 -12.02 -27.75
C PHE B 390 25.05 -11.26 -26.63
N VAL B 391 25.36 -11.96 -25.55
CA VAL B 391 26.02 -11.36 -24.40
C VAL B 391 27.41 -10.86 -24.78
N GLU B 392 28.16 -11.69 -25.49
CA GLU B 392 29.50 -11.33 -25.90
C GLU B 392 29.45 -10.06 -26.76
N SER B 393 28.53 -10.01 -27.72
CA SER B 393 28.43 -8.88 -28.63
C SER B 393 27.92 -7.60 -27.96
N PHE B 394 26.82 -7.70 -27.21
CA PHE B 394 26.25 -6.51 -26.60
C PHE B 394 27.17 -5.91 -25.54
N THR B 395 27.94 -6.76 -24.86
CA THR B 395 28.90 -6.26 -23.88
C THR B 395 29.91 -5.34 -24.56
N ARG B 396 30.17 -5.60 -25.83
CA ARG B 396 31.22 -4.88 -26.57
C ARG B 396 30.70 -3.64 -27.31
N GLN B 397 29.39 -3.54 -27.54
CA GLN B 397 28.85 -2.44 -28.34
C GLN B 397 28.47 -1.25 -27.47
N ILE B 398 29.02 -0.09 -27.82
CA ILE B 398 28.81 1.13 -27.05
C ILE B 398 27.40 1.70 -27.26
N ALA B 399 26.84 2.26 -26.18
CA ALA B 399 25.55 2.95 -26.22
C ALA B 399 25.76 4.45 -26.43
N GLY B 400 24.68 5.15 -26.76
CA GLY B 400 24.76 6.58 -27.01
C GLY B 400 24.63 7.40 -25.75
N ARG B 401 25.22 8.59 -25.75
CA ARG B 401 25.10 9.52 -24.64
C ARG B 401 23.68 10.06 -24.57
N VAL B 402 23.14 10.18 -23.37
CA VAL B 402 21.72 10.54 -23.21
C VAL B 402 21.49 12.04 -23.15
N ALA B 403 22.30 12.74 -22.36
CA ALA B 403 22.22 14.20 -22.28
C ALA B 403 23.17 14.82 -23.30
N GLY B 404 23.09 16.14 -23.48
CA GLY B 404 23.96 16.83 -24.42
C GLY B 404 23.25 17.17 -25.72
N GLY B 405 22.08 16.58 -25.94
CA GLY B 405 21.27 16.90 -27.10
C GLY B 405 21.66 16.17 -28.37
N ARG B 406 20.75 16.19 -29.35
CA ARG B 406 21.01 15.72 -30.71
C ARG B 406 21.63 14.32 -30.79
N ASN B 407 21.02 13.35 -30.11
CA ASN B 407 21.52 11.98 -30.16
C ASN B 407 20.39 10.96 -30.20
N VAL B 408 19.19 11.40 -30.54
CA VAL B 408 18.06 10.50 -30.69
C VAL B 408 18.00 9.94 -32.12
N PRO B 409 18.05 8.61 -32.28
CA PRO B 409 17.98 8.01 -33.61
C PRO B 409 16.70 8.41 -34.36
N PRO B 410 16.82 8.84 -35.63
CA PRO B 410 15.62 9.22 -36.40
C PRO B 410 14.60 8.08 -36.52
N ALA B 411 15.06 6.85 -36.35
CA ALA B 411 14.17 5.68 -36.40
C ALA B 411 13.06 5.78 -35.36
N VAL B 412 13.35 6.42 -34.23
CA VAL B 412 12.38 6.53 -33.13
C VAL B 412 11.98 7.99 -32.90
N GLN B 413 12.03 8.78 -33.97
CA GLN B 413 11.66 10.18 -33.92
C GLN B 413 10.26 10.41 -33.35
N LYS B 414 9.28 9.66 -33.88
CA LYS B 414 7.89 9.83 -33.50
C LYS B 414 7.65 9.41 -32.05
N VAL B 415 8.49 8.53 -31.54
CA VAL B 415 8.42 8.13 -30.14
C VAL B 415 8.88 9.28 -29.24
N SER B 416 9.93 9.97 -29.67
CA SER B 416 10.46 11.10 -28.92
C SER B 416 9.45 12.25 -28.90
N GLN B 417 8.74 12.43 -30.00
CA GLN B 417 7.71 13.46 -30.09
C GLN B 417 6.54 13.13 -29.18
N ALA B 418 6.21 11.84 -29.09
CA ALA B 418 5.12 11.36 -28.24
C ALA B 418 5.40 11.70 -26.78
N SER B 419 6.66 11.61 -26.38
CA SER B 419 7.05 11.93 -25.01
C SER B 419 6.66 13.37 -24.65
N ILE B 420 6.84 14.27 -25.62
CA ILE B 420 6.51 15.67 -25.41
C ILE B 420 4.99 15.86 -25.45
N ASP B 421 4.34 15.31 -26.47
CA ASP B 421 2.89 15.42 -26.62
C ASP B 421 2.16 14.88 -25.40
N GLN B 422 2.59 13.71 -24.94
CA GLN B 422 1.94 13.05 -23.81
C GLN B 422 2.12 13.85 -22.51
N SER B 423 3.32 14.40 -22.32
CA SER B 423 3.59 15.16 -21.11
C SER B 423 2.74 16.43 -21.10
N ARG B 424 2.36 16.90 -22.29
CA ARG B 424 1.48 18.04 -22.41
C ARG B 424 0.01 17.67 -22.14
N GLN B 425 -0.37 16.46 -22.52
CA GLN B 425 -1.70 15.94 -22.19
C GLN B 425 -1.87 15.88 -20.68
N MET B 426 -0.79 15.52 -19.98
CA MET B 426 -0.83 15.34 -18.54
C MET B 426 -0.51 16.65 -17.80
N LYS B 427 -0.26 17.71 -18.58
CA LYS B 427 -0.06 19.06 -18.06
C LYS B 427 1.10 19.15 -17.06
N TYR B 428 2.29 18.73 -17.51
CA TYR B 428 3.50 18.86 -16.71
C TYR B 428 3.85 20.32 -16.48
N GLN B 429 4.30 20.63 -15.27
CA GLN B 429 4.87 21.95 -15.00
C GLN B 429 6.23 22.04 -15.66
N SER B 430 6.80 23.23 -15.68
CA SER B 430 8.05 23.47 -16.41
C SER B 430 9.22 22.70 -15.82
N PHE B 431 10.30 22.64 -16.59
CA PHE B 431 11.54 22.03 -16.19
C PHE B 431 12.09 22.65 -14.90
N ASN B 432 12.07 23.98 -14.84
CA ASN B 432 12.57 24.69 -13.66
C ASN B 432 11.71 24.45 -12.42
N GLU B 433 10.43 24.17 -12.63
CA GLU B 433 9.56 23.88 -11.50
C GLU B 433 9.93 22.52 -10.92
N TYR B 434 10.38 21.60 -11.77
CA TYR B 434 10.78 20.28 -11.31
C TYR B 434 12.17 20.31 -10.69
N ARG B 435 13.00 21.25 -11.12
CA ARG B 435 14.29 21.46 -10.47
C ARG B 435 14.08 21.91 -9.03
N LYS B 436 13.21 22.89 -8.83
CA LYS B 436 12.96 23.44 -7.50
C LYS B 436 12.30 22.40 -6.61
N ARG B 437 11.45 21.57 -7.20
CA ARG B 437 10.79 20.48 -6.49
C ARG B 437 11.80 19.52 -5.90
N PHE B 438 12.93 19.36 -6.57
CA PHE B 438 13.98 18.46 -6.09
C PHE B 438 15.21 19.21 -5.62
N MET B 439 14.98 20.38 -5.02
CA MET B 439 16.01 21.15 -4.35
C MET B 439 17.18 21.55 -5.24
N LEU B 440 16.88 21.91 -6.48
CA LEU B 440 17.89 22.42 -7.40
C LEU B 440 17.60 23.88 -7.69
N LYS B 441 18.66 24.67 -7.80
CA LYS B 441 18.52 26.07 -8.17
C LYS B 441 18.03 26.12 -9.62
N PRO B 442 16.97 26.89 -9.87
CA PRO B 442 16.47 26.97 -11.26
C PRO B 442 17.46 27.67 -12.18
N TYR B 443 17.51 27.25 -13.45
CA TYR B 443 18.42 27.84 -14.43
C TYR B 443 18.00 29.27 -14.79
N GLU B 444 19.00 30.14 -14.93
CA GLU B 444 18.77 31.56 -15.19
C GLU B 444 18.62 31.85 -16.68
N SER B 445 19.18 30.98 -17.51
CA SER B 445 19.20 31.18 -18.96
C SER B 445 19.29 29.86 -19.70
N PHE B 446 19.07 29.91 -21.01
CA PHE B 446 19.19 28.73 -21.86
C PHE B 446 20.65 28.29 -21.95
N GLU B 447 21.56 29.26 -21.89
CA GLU B 447 23.00 28.98 -21.97
C GLU B 447 23.48 28.21 -20.75
N GLU B 448 22.94 28.56 -19.59
CA GLU B 448 23.30 27.87 -18.36
C GLU B 448 22.81 26.42 -18.41
N LEU B 449 21.71 26.19 -19.11
CA LEU B 449 21.13 24.86 -19.22
C LEU B 449 21.99 23.93 -20.09
N THR B 450 22.29 24.39 -21.30
CA THR B 450 22.98 23.57 -22.30
C THR B 450 24.50 23.69 -22.21
N GLY B 451 24.98 24.83 -21.74
CA GLY B 451 26.40 25.06 -21.62
C GLY B 451 27.06 25.45 -22.93
N GLU B 452 26.25 25.75 -23.94
CA GLU B 452 26.76 26.11 -25.26
C GLU B 452 25.88 27.18 -25.91
N LYS B 453 26.11 27.46 -27.18
CA LYS B 453 25.49 28.59 -27.86
C LYS B 453 24.44 28.21 -28.89
N GLU B 454 24.67 27.14 -29.64
CA GLU B 454 23.80 26.78 -30.74
C GLU B 454 22.41 26.32 -30.28
N MET B 455 22.36 25.29 -29.44
CA MET B 455 21.09 24.78 -28.94
C MET B 455 20.41 25.80 -28.03
N SER B 456 21.20 26.58 -27.29
CA SER B 456 20.67 27.66 -26.47
C SER B 456 19.81 28.59 -27.30
N ALA B 457 20.35 28.99 -28.45
CA ALA B 457 19.68 29.93 -29.34
C ALA B 457 18.37 29.34 -29.87
N GLU B 458 18.41 28.09 -30.31
CA GLU B 458 17.22 27.44 -30.84
C GLU B 458 16.17 27.28 -29.75
N LEU B 459 16.64 27.04 -28.53
CA LEU B 459 15.73 26.91 -27.38
C LEU B 459 14.99 28.21 -27.13
N GLU B 460 15.73 29.31 -27.13
CA GLU B 460 15.15 30.62 -26.88
C GLU B 460 14.23 31.05 -28.02
N ALA B 461 14.55 30.62 -29.23
CA ALA B 461 13.70 30.91 -30.39
C ALA B 461 12.38 30.16 -30.27
N LEU B 462 12.41 28.99 -29.66
CA LEU B 462 11.21 28.18 -29.50
C LEU B 462 10.37 28.60 -28.29
N TYR B 463 10.99 28.62 -27.12
CA TYR B 463 10.25 28.82 -25.86
C TYR B 463 10.14 30.28 -25.43
N GLY B 464 11.14 31.09 -25.76
CA GLY B 464 11.15 32.49 -25.40
C GLY B 464 11.69 32.74 -24.00
N ASP B 465 11.20 31.98 -23.03
CA ASP B 465 11.59 32.12 -21.63
C ASP B 465 12.23 30.83 -21.13
N ILE B 466 13.20 30.95 -20.22
CA ILE B 466 13.87 29.77 -19.67
C ILE B 466 12.91 28.99 -18.78
N ASP B 467 12.00 29.72 -18.13
CA ASP B 467 11.03 29.10 -17.24
C ASP B 467 9.87 28.44 -18.01
N ALA B 468 9.97 28.47 -19.34
CA ALA B 468 8.95 27.90 -20.20
C ALA B 468 9.40 26.57 -20.81
N VAL B 469 10.67 26.21 -20.62
CA VAL B 469 11.21 24.97 -21.16
C VAL B 469 10.59 23.76 -20.47
N GLU B 470 10.22 22.76 -21.26
CA GLU B 470 9.54 21.56 -20.74
C GLU B 470 10.53 20.54 -20.20
N LEU B 471 10.03 19.65 -19.34
CA LEU B 471 10.87 18.68 -18.65
C LEU B 471 11.66 17.78 -19.59
N TYR B 472 10.96 17.04 -20.46
CA TYR B 472 11.61 16.01 -21.26
C TYR B 472 12.67 16.56 -22.23
N PRO B 473 12.32 17.58 -23.03
CA PRO B 473 13.35 18.11 -23.94
C PRO B 473 14.57 18.66 -23.20
N ALA B 474 14.35 19.26 -22.03
CA ALA B 474 15.43 19.86 -21.27
C ALA B 474 16.39 18.81 -20.73
N LEU B 475 15.87 17.66 -20.31
CA LEU B 475 16.70 16.60 -19.76
C LEU B 475 17.70 16.09 -20.79
N LEU B 476 17.27 16.02 -22.05
CA LEU B 476 18.10 15.47 -23.11
C LEU B 476 19.07 16.48 -23.70
N VAL B 477 18.83 17.77 -23.50
CA VAL B 477 19.74 18.81 -24.00
C VAL B 477 20.57 19.44 -22.88
N GLU B 478 20.29 19.07 -21.64
CA GLU B 478 21.01 19.62 -20.49
C GLU B 478 22.50 19.36 -20.60
N LYS B 479 23.28 20.33 -20.13
CA LYS B 479 24.73 20.18 -20.06
C LYS B 479 25.07 18.92 -19.25
N PRO B 480 25.69 17.92 -19.90
CA PRO B 480 26.04 16.70 -19.15
C PRO B 480 27.17 16.94 -18.17
N ARG B 481 27.17 16.21 -17.06
CA ARG B 481 28.28 16.28 -16.11
C ARG B 481 29.57 15.90 -16.82
N PRO B 482 30.73 16.30 -16.25
CA PRO B 482 32.03 16.02 -16.86
C PRO B 482 32.23 14.56 -17.25
N ASP B 483 32.38 14.31 -18.55
CA ASP B 483 32.59 12.97 -19.08
C ASP B 483 31.51 11.98 -18.62
N ALA B 484 30.29 12.48 -18.46
CA ALA B 484 29.19 11.68 -17.94
C ALA B 484 28.07 11.47 -18.96
N ILE B 485 27.15 10.56 -18.65
CA ILE B 485 26.07 10.22 -19.55
C ILE B 485 24.89 11.17 -19.36
N PHE B 486 24.76 11.73 -18.16
CA PHE B 486 23.62 12.57 -17.80
C PHE B 486 24.03 13.97 -17.36
N GLY B 487 23.05 14.86 -17.29
CA GLY B 487 23.22 16.15 -16.65
C GLY B 487 22.76 16.06 -15.21
N GLU B 488 22.90 17.17 -14.48
CA GLU B 488 22.57 17.22 -13.05
C GLU B 488 21.15 16.80 -12.74
N THR B 489 20.19 17.35 -13.48
CA THR B 489 18.77 17.18 -13.16
C THR B 489 18.33 15.73 -13.23
N MET B 490 18.70 15.03 -14.31
CA MET B 490 18.33 13.63 -14.49
C MET B 490 18.64 12.79 -13.25
N VAL B 491 19.82 12.99 -12.68
CA VAL B 491 20.23 12.24 -11.50
C VAL B 491 19.48 12.68 -10.25
N GLU B 492 19.43 13.98 -10.00
CA GLU B 492 18.86 14.49 -8.76
C GLU B 492 17.35 14.28 -8.72
N VAL B 493 16.71 14.16 -9.87
CA VAL B 493 15.28 13.86 -9.93
C VAL B 493 15.02 12.36 -9.99
N GLY B 494 15.83 11.66 -10.78
CA GLY B 494 15.63 10.23 -11.00
C GLY B 494 15.98 9.36 -9.80
N ALA B 495 17.04 9.72 -9.08
CA ALA B 495 17.57 8.88 -8.02
C ALA B 495 16.58 8.65 -6.85
N PRO B 496 15.87 9.70 -6.42
CA PRO B 496 14.86 9.47 -5.38
C PRO B 496 13.79 8.45 -5.78
N PHE B 497 13.26 8.57 -7.00
CA PHE B 497 12.26 7.63 -7.50
C PHE B 497 12.81 6.22 -7.52
N SER B 498 14.07 6.09 -7.95
CA SER B 498 14.70 4.79 -8.12
C SER B 498 14.89 4.08 -6.78
N LEU B 499 15.49 4.78 -5.83
CA LEU B 499 15.81 4.19 -4.54
C LEU B 499 14.55 3.85 -3.77
N LYS B 500 13.54 4.69 -3.92
CA LYS B 500 12.28 4.47 -3.25
C LYS B 500 11.61 3.21 -3.81
N GLY B 501 11.77 3.00 -5.11
CA GLY B 501 11.19 1.83 -5.76
C GLY B 501 11.93 0.56 -5.36
N LEU B 502 13.22 0.69 -5.10
CA LEU B 502 14.04 -0.47 -4.76
C LEU B 502 13.88 -0.83 -3.29
N MET B 503 14.22 0.09 -2.41
CA MET B 503 14.20 -0.18 -0.97
C MET B 503 12.77 -0.25 -0.41
N GLY B 504 11.83 0.39 -1.10
CA GLY B 504 10.45 0.40 -0.67
C GLY B 504 9.77 -0.95 -0.85
N ASN B 505 10.39 -1.83 -1.64
CA ASN B 505 9.84 -3.15 -1.90
C ASN B 505 9.59 -3.92 -0.60
N VAL B 506 8.52 -4.69 -0.58
CA VAL B 506 8.08 -5.38 0.62
C VAL B 506 9.14 -6.38 1.16
N ILE B 507 9.91 -7.00 0.27
CA ILE B 507 10.90 -7.97 0.73
C ILE B 507 12.01 -7.30 1.55
N CYS B 508 12.11 -5.99 1.45
CA CYS B 508 13.10 -5.24 2.21
C CYS B 508 12.60 -4.89 3.61
N SER B 509 11.31 -5.12 3.86
CA SER B 509 10.73 -4.83 5.16
C SER B 509 11.21 -5.88 6.18
N PRO B 510 11.28 -5.49 7.47
CA PRO B 510 11.83 -6.38 8.52
C PRO B 510 11.14 -7.74 8.62
N ALA B 511 9.83 -7.79 8.41
CA ALA B 511 9.11 -9.05 8.54
C ALA B 511 9.49 -10.03 7.43
N TYR B 512 9.90 -9.51 6.28
CA TYR B 512 10.21 -10.33 5.11
C TYR B 512 11.71 -10.62 4.97
N TRP B 513 12.55 -9.66 5.35
CA TRP B 513 13.98 -9.78 5.10
C TRP B 513 14.60 -10.74 6.12
N LYS B 514 14.23 -12.01 5.98
CA LYS B 514 14.71 -13.11 6.82
C LYS B 514 15.06 -14.27 5.92
N PRO B 515 15.96 -15.16 6.38
CA PRO B 515 16.31 -16.32 5.55
C PRO B 515 15.11 -17.24 5.28
N SER B 516 14.21 -17.38 6.25
CA SER B 516 13.04 -18.26 6.13
C SER B 516 12.12 -17.85 4.99
N THR B 517 12.08 -16.57 4.69
CA THR B 517 11.27 -16.05 3.60
C THR B 517 11.70 -16.65 2.26
N PHE B 518 12.99 -16.97 2.16
CA PHE B 518 13.58 -17.41 0.89
C PHE B 518 13.99 -18.88 0.93
N GLY B 519 13.39 -19.64 1.85
CA GLY B 519 13.60 -21.07 1.90
C GLY B 519 14.81 -21.50 2.70
N GLY B 520 15.39 -20.58 3.46
CA GLY B 520 16.57 -20.87 4.25
C GLY B 520 17.78 -20.09 3.80
N GLU B 521 18.92 -20.36 4.43
CA GLU B 521 20.15 -19.62 4.16
C GLU B 521 20.66 -19.80 2.74
N VAL B 522 20.45 -20.98 2.17
CA VAL B 522 20.88 -21.25 0.79
C VAL B 522 20.17 -20.31 -0.18
N GLY B 523 18.86 -20.19 -0.05
CA GLY B 523 18.10 -19.26 -0.86
C GLY B 523 18.47 -17.80 -0.59
N PHE B 524 18.63 -17.46 0.68
CA PHE B 524 18.97 -16.11 1.08
C PHE B 524 20.33 -15.69 0.50
N GLN B 525 21.23 -16.66 0.38
CA GLN B 525 22.58 -16.39 -0.11
C GLN B 525 22.56 -16.14 -1.62
N ILE B 526 21.57 -16.70 -2.31
CA ILE B 526 21.42 -16.46 -3.74
C ILE B 526 21.21 -14.97 -4.01
N ILE B 527 20.32 -14.37 -3.23
CA ILE B 527 20.09 -12.92 -3.32
C ILE B 527 21.36 -12.14 -3.02
N ASN B 528 21.97 -12.43 -1.88
CA ASN B 528 23.05 -11.60 -1.36
C ASN B 528 24.38 -11.72 -2.09
N THR B 529 24.50 -12.73 -2.96
CA THR B 529 25.70 -12.88 -3.78
C THR B 529 25.38 -12.71 -5.27
N ALA B 530 24.21 -12.20 -5.58
CA ALA B 530 23.81 -12.01 -6.98
C ALA B 530 24.59 -10.86 -7.62
N SER B 531 24.80 -10.99 -8.93
CA SER B 531 25.41 -9.94 -9.72
C SER B 531 25.04 -10.16 -11.18
N ILE B 532 25.26 -9.15 -12.02
CA ILE B 532 24.96 -9.30 -13.43
C ILE B 532 25.86 -10.37 -14.05
N GLN B 533 27.10 -10.48 -13.54
CA GLN B 533 28.02 -11.48 -14.05
C GLN B 533 27.61 -12.90 -13.63
N SER B 534 27.17 -13.06 -12.39
CA SER B 534 26.78 -14.39 -11.93
C SER B 534 25.45 -14.81 -12.56
N LEU B 535 24.58 -13.84 -12.85
CA LEU B 535 23.34 -14.12 -13.55
C LEU B 535 23.63 -14.72 -14.93
N ILE B 536 24.63 -14.19 -15.60
CA ILE B 536 25.03 -14.70 -16.90
C ILE B 536 25.75 -16.04 -16.74
N CYS B 537 26.67 -16.11 -15.80
CA CYS B 537 27.49 -17.31 -15.63
C CYS B 537 26.63 -18.53 -15.30
N ASN B 538 25.57 -18.31 -14.52
CA ASN B 538 24.71 -19.41 -14.08
C ASN B 538 23.75 -19.88 -15.16
N ASN B 539 23.48 -19.03 -16.15
CA ASN B 539 22.40 -19.30 -17.10
C ASN B 539 22.78 -19.20 -18.58
N VAL B 540 24.01 -18.79 -18.87
CA VAL B 540 24.46 -18.65 -20.26
C VAL B 540 25.66 -19.55 -20.51
N LYS B 541 25.54 -20.39 -21.53
CA LYS B 541 26.54 -21.40 -21.84
C LYS B 541 27.92 -20.78 -22.08
N GLY B 542 28.92 -21.34 -21.41
CA GLY B 542 30.30 -20.90 -21.59
C GLY B 542 30.73 -19.83 -20.60
N CYS B 543 29.79 -19.37 -19.77
CA CYS B 543 30.05 -18.33 -18.77
C CYS B 543 30.81 -17.14 -19.35
N PRO B 544 30.24 -16.49 -20.38
CA PRO B 544 30.94 -15.37 -21.00
C PRO B 544 31.13 -14.19 -20.06
N PHE B 545 32.22 -13.46 -20.23
CA PHE B 545 32.42 -12.22 -19.49
C PHE B 545 31.34 -11.22 -19.87
N THR B 546 30.83 -10.49 -18.90
CA THR B 546 29.87 -9.44 -19.18
C THR B 546 30.05 -8.27 -18.21
N SER B 547 29.38 -7.16 -18.52
CA SER B 547 29.53 -5.92 -17.78
C SER B 547 28.52 -4.94 -18.33
N PHE B 548 28.33 -3.82 -17.64
CA PHE B 548 27.44 -2.77 -18.13
C PHE B 548 28.24 -1.70 -18.85
N SER B 549 29.56 -1.87 -18.90
CA SER B 549 30.43 -0.99 -19.67
C SER B 549 31.29 -1.77 -20.66
N VAL B 550 31.64 -1.14 -21.77
CA VAL B 550 32.49 -1.76 -22.77
C VAL B 550 33.90 -2.01 -22.21
N PRO B 551 34.52 -3.14 -22.57
CA PRO B 551 35.89 -3.41 -22.11
C PRO B 551 36.95 -2.74 -22.97
#